data_7NXK
#
_entry.id   7NXK
#
_cell.length_a   50.210
_cell.length_b   77.460
_cell.length_c   91.530
_cell.angle_alpha   103.61
_cell.angle_beta   85.89
_cell.angle_gamma   102.56
#
_symmetry.space_group_name_H-M   'P 1'
#
loop_
_entity.id
_entity.type
_entity.pdbx_description
1 polymer 'Cyclin-dependent kinase 12'
2 polymer Cyclin-K
3 non-polymer (E)-N-[4-[(1R,3R)-3-[[5-chloranyl-4-(1H-indol-3-yl)pyrimidin-2-yl]amino]cyclohexyl]oxyphenyl]-4-(dimethylamino)but-2-enamide
4 water water
#
loop_
_entity_poly.entity_id
_entity_poly.type
_entity_poly.pdbx_seq_one_letter_code
_entity_poly.pdbx_strand_id
1 'polypeptide(L)'
;GQTESDWGKRCVDKFDIIGIIGEGTYGQVYKAKDKDTGELVALKKVRLDNEKEGFPITAIREIKILRQLIHRSVVNMKEI
VTDKQDALDFKKDKGAFYLVFEYMDHDLMGLLESGLVHFSEDHIKSFMKQLMEGLEYCHKKNFLHRDIKCSNILLNNSGQ
IKLADFGLARLYNSEESRPY(TPO)NKVITLWYRPPELLLGEERYTPAIDVWSCGCILGELFTKKPIFQANLELAQLELI
SRLCGSPCPAVWPDVIKLPYFNTMKPKKQYRRRLREEFSFIPSAALDLLDHMLTLDPSKRCTAEQTLQSDFLKDVELSKM
APPDLPHWQDCHELWSKKRRRQRQSGVVVEEPPPS
;
A,C
2 'polypeptide(L)'
;GMKENKENSSPSVTSANLDHTKPCWYWDKKDLAHTPSQLEGLDPATEARYRREGARFIFDVGTRLGLHYDTLATGIIYFH
RFYMFHSFKQFPRYVTGACCLFLAGKVEETPKKCKDIIKTARSLLNDVQFGQFGDDPKEEVMVLERILLQTIKFDLQVEH
PYQFLLKYAKQLKGDKNKIQKLVQMAWTFVNDSLCTTLSLQWEPEIIAVAVMYLAGRLCKFEIQEWTSKPMYRRWWEQFV
QDVPVDVLEDICHQILDLYSQGKQQMPH
;
B,D
#
loop_
_chem_comp.id
_chem_comp.type
_chem_comp.name
_chem_comp.formula
UUB non-polymer (E)-N-[4-[(1R,3R)-3-[[5-chloranyl-4-(1H-indol-3-yl)pyrimidin-2-yl]amino]cyclohexyl]oxyphenyl]-4-(dimethylamino)but-2-enamide 'C30 H33 Cl N6 O2'
#
# COMPACT_ATOMS: atom_id res chain seq x y z
N THR A 3 44.72 -0.20 -0.04
CA THR A 3 43.61 -0.18 -1.00
C THR A 3 43.57 -1.47 -1.80
N GLU A 4 43.41 -2.58 -1.09
CA GLU A 4 43.31 -3.91 -1.70
C GLU A 4 41.95 -4.54 -1.42
N SER A 5 40.90 -3.71 -1.39
CA SER A 5 39.53 -4.25 -1.24
C SER A 5 38.97 -4.58 -2.63
N ASP A 6 39.79 -5.24 -3.45
CA ASP A 6 39.36 -5.64 -4.82
C ASP A 6 39.04 -7.14 -4.80
N TRP A 7 37.76 -7.49 -4.90
CA TRP A 7 37.38 -8.89 -4.82
C TRP A 7 37.43 -9.56 -6.20
N GLY A 8 37.34 -10.89 -6.19
CA GLY A 8 37.29 -11.67 -7.39
C GLY A 8 38.62 -11.98 -8.05
N LYS A 9 39.67 -11.24 -7.71
CA LYS A 9 40.96 -11.44 -8.37
C LYS A 9 41.73 -12.61 -7.75
N ARG A 10 41.77 -12.68 -6.42
CA ARG A 10 42.55 -13.72 -5.76
C ARG A 10 42.02 -15.10 -6.13
N CYS A 11 42.94 -16.04 -6.29
CA CYS A 11 42.59 -17.40 -6.71
C CYS A 11 42.29 -18.28 -5.49
N VAL A 12 41.63 -19.41 -5.77
CA VAL A 12 41.22 -20.30 -4.69
C VAL A 12 42.37 -21.17 -4.19
N ASP A 13 43.44 -21.31 -4.96
CA ASP A 13 44.54 -22.16 -4.52
C ASP A 13 45.23 -21.62 -3.29
N LYS A 14 45.01 -20.35 -2.94
CA LYS A 14 45.53 -19.80 -1.70
C LYS A 14 44.83 -20.35 -0.47
N PHE A 15 43.83 -21.20 -0.64
CA PHE A 15 43.14 -21.87 0.45
C PHE A 15 43.33 -23.37 0.31
N ASP A 16 43.63 -24.04 1.43
CA ASP A 16 43.80 -25.48 1.46
C ASP A 16 42.50 -26.10 1.96
N ILE A 17 41.76 -26.73 1.05
CA ILE A 17 40.46 -27.29 1.40
C ILE A 17 40.64 -28.49 2.32
N ILE A 18 39.96 -28.46 3.46
CA ILE A 18 40.04 -29.57 4.41
C ILE A 18 38.92 -30.58 4.18
N GLY A 19 37.72 -30.09 3.88
CA GLY A 19 36.59 -30.97 3.64
C GLY A 19 35.29 -30.21 3.57
N ILE A 20 34.27 -30.86 3.05
CA ILE A 20 32.95 -30.26 2.94
C ILE A 20 32.30 -30.22 4.31
N ILE A 21 31.49 -29.19 4.54
CA ILE A 21 30.84 -28.99 5.83
C ILE A 21 29.32 -28.90 5.72
N GLY A 22 28.77 -28.95 4.51
CA GLY A 22 27.33 -28.91 4.35
C GLY A 22 26.95 -28.63 2.92
N GLU A 23 25.65 -28.78 2.66
CA GLU A 23 25.08 -28.54 1.34
C GLU A 23 24.53 -27.11 1.31
N GLY A 24 25.19 -26.25 0.55
CA GLY A 24 24.78 -24.86 0.44
C GLY A 24 23.67 -24.65 -0.57
N THR A 25 23.25 -23.39 -0.69
CA THR A 25 22.17 -23.04 -1.60
C THR A 25 22.61 -23.16 -3.05
N TYR A 26 23.67 -22.44 -3.43
CA TYR A 26 24.18 -22.47 -4.78
C TYR A 26 25.16 -23.62 -5.00
N GLY A 27 26.09 -23.81 -4.07
CA GLY A 27 27.05 -24.88 -4.17
C GLY A 27 27.44 -25.39 -2.80
N GLN A 28 28.22 -26.46 -2.79
CA GLN A 28 28.69 -27.03 -1.53
C GLN A 28 29.52 -26.01 -0.78
N VAL A 29 29.55 -26.16 0.55
CA VAL A 29 30.30 -25.27 1.44
C VAL A 29 31.51 -26.03 1.97
N TYR A 30 32.69 -25.44 1.81
CA TYR A 30 33.94 -26.07 2.18
C TYR A 30 34.57 -25.36 3.37
N LYS A 31 35.34 -26.13 4.14
CA LYS A 31 36.17 -25.59 5.21
C LYS A 31 37.62 -25.57 4.72
N ALA A 32 38.30 -24.43 4.92
CA ALA A 32 39.67 -24.29 4.47
C ALA A 32 40.39 -23.30 5.37
N LYS A 33 41.73 -23.31 5.27
CA LYS A 33 42.57 -22.40 6.01
C LYS A 33 43.36 -21.54 5.03
N ASP A 34 43.53 -20.27 5.37
CA ASP A 34 44.21 -19.33 4.49
C ASP A 34 45.72 -19.55 4.57
N LYS A 35 46.34 -19.78 3.42
CA LYS A 35 47.78 -20.04 3.37
C LYS A 35 48.61 -18.81 3.69
N ASP A 36 48.02 -17.62 3.70
CA ASP A 36 48.75 -16.38 3.95
C ASP A 36 48.59 -15.87 5.37
N THR A 37 47.46 -16.16 6.02
CA THR A 37 47.25 -15.73 7.40
C THR A 37 46.88 -16.88 8.33
N GLY A 38 46.72 -18.10 7.81
CA GLY A 38 46.41 -19.25 8.64
C GLY A 38 45.07 -19.20 9.34
N GLU A 39 44.19 -18.30 8.94
CA GLU A 39 42.88 -18.16 9.59
C GLU A 39 41.88 -19.11 8.92
N LEU A 40 41.30 -19.99 9.72
CA LEU A 40 40.30 -20.93 9.21
C LEU A 40 39.10 -20.17 8.66
N VAL A 41 38.65 -20.58 7.47
CA VAL A 41 37.57 -19.91 6.76
C VAL A 41 36.58 -20.95 6.24
N ALA A 42 35.53 -20.44 5.60
CA ALA A 42 34.53 -21.28 4.95
C ALA A 42 34.25 -20.73 3.56
N LEU A 43 34.15 -21.61 2.58
CA LEU A 43 33.99 -21.23 1.18
C LEU A 43 32.61 -21.66 0.68
N LYS A 44 31.83 -20.69 0.21
CA LYS A 44 30.53 -20.97 -0.39
C LYS A 44 30.70 -20.96 -1.90
N LYS A 45 30.63 -22.14 -2.50
CA LYS A 45 30.88 -22.29 -3.92
C LYS A 45 29.68 -21.77 -4.74
N VAL A 46 29.97 -21.06 -5.82
CA VAL A 46 28.95 -20.52 -6.71
C VAL A 46 29.34 -20.94 -8.12
N ARG A 47 28.80 -22.07 -8.57
CA ARG A 47 29.12 -22.59 -9.89
C ARG A 47 28.37 -21.82 -10.97
N LEU A 48 29.07 -21.58 -12.08
CA LEU A 48 28.51 -20.82 -13.20
C LEU A 48 28.23 -21.66 -14.43
N ASP A 49 29.01 -22.71 -14.68
CA ASP A 49 28.81 -23.53 -15.86
C ASP A 49 27.42 -24.18 -15.81
N ASN A 50 26.70 -24.10 -16.92
CA ASN A 50 25.38 -24.70 -17.05
C ASN A 50 24.36 -24.01 -16.14
N GLU A 51 24.48 -22.69 -16.02
CA GLU A 51 23.50 -21.86 -15.34
C GLU A 51 22.65 -21.17 -16.40
N LYS A 52 21.35 -21.47 -16.41
CA LYS A 52 20.46 -20.96 -17.45
C LYS A 52 20.62 -19.46 -17.65
N GLU A 53 20.83 -18.72 -16.56
CA GLU A 53 20.92 -17.26 -16.62
C GLU A 53 22.29 -16.76 -16.17
N GLY A 54 23.29 -17.64 -16.11
CA GLY A 54 24.61 -17.24 -15.68
C GLY A 54 24.72 -17.12 -14.17
N PHE A 55 25.38 -16.07 -13.70
CA PHE A 55 25.57 -15.88 -12.27
C PHE A 55 24.21 -15.84 -11.57
N PRO A 56 23.93 -16.73 -10.64
CA PRO A 56 22.59 -16.78 -10.02
C PRO A 56 22.21 -15.44 -9.40
N ILE A 57 20.97 -15.03 -9.67
CA ILE A 57 20.49 -13.75 -9.14
C ILE A 57 20.30 -13.84 -7.62
N THR A 58 20.03 -15.04 -7.10
CA THR A 58 19.91 -15.19 -5.66
C THR A 58 21.22 -14.86 -4.97
N ALA A 59 22.35 -15.22 -5.59
CA ALA A 59 23.64 -14.87 -5.02
C ALA A 59 23.94 -13.38 -5.18
N ILE A 60 23.46 -12.77 -6.26
CA ILE A 60 23.67 -11.33 -6.45
C ILE A 60 22.98 -10.54 -5.35
N ARG A 61 21.81 -11.01 -4.91
CA ARG A 61 21.13 -10.33 -3.81
C ARG A 61 21.92 -10.47 -2.52
N GLU A 62 22.45 -11.66 -2.25
CA GLU A 62 23.20 -11.86 -1.01
C GLU A 62 24.45 -11.00 -0.97
N ILE A 63 25.11 -10.83 -2.12
CA ILE A 63 26.31 -10.00 -2.16
C ILE A 63 25.95 -8.54 -1.95
N LYS A 64 24.88 -8.07 -2.59
CA LYS A 64 24.48 -6.68 -2.43
C LYS A 64 24.16 -6.34 -0.98
N ILE A 65 23.67 -7.32 -0.23
CA ILE A 65 23.31 -7.11 1.18
C ILE A 65 24.52 -7.26 2.07
N LEU A 66 25.30 -8.34 1.89
CA LEU A 66 26.44 -8.57 2.76
C LEU A 66 27.46 -7.45 2.68
N ARG A 67 27.60 -6.83 1.51
CA ARG A 67 28.50 -5.69 1.36
C ARG A 67 27.92 -4.42 1.99
N GLN A 68 26.82 -4.53 2.73
CA GLN A 68 26.27 -3.41 3.48
C GLN A 68 26.08 -3.72 4.95
N LEU A 69 26.30 -4.95 5.40
CA LEU A 69 26.07 -5.36 6.78
C LEU A 69 27.42 -5.61 7.45
N ILE A 70 27.92 -4.60 8.15
CA ILE A 70 29.13 -4.69 8.94
C ILE A 70 28.71 -4.64 10.41
N HIS A 71 28.64 -5.80 11.05
CA HIS A 71 28.27 -5.85 12.46
C HIS A 71 28.86 -7.10 13.09
N ARG A 72 29.13 -7.02 14.39
CA ARG A 72 29.70 -8.15 15.12
C ARG A 72 28.84 -9.39 14.98
N SER A 73 27.52 -9.23 14.98
CA SER A 73 26.59 -10.36 15.01
C SER A 73 26.17 -10.82 13.62
N VAL A 74 26.42 -10.04 12.58
CA VAL A 74 26.08 -10.43 11.22
C VAL A 74 27.28 -11.13 10.60
N VAL A 75 27.03 -12.26 9.94
CA VAL A 75 28.11 -12.97 9.26
C VAL A 75 28.77 -12.05 8.25
N ASN A 76 30.10 -12.02 8.25
CA ASN A 76 30.85 -11.08 7.43
C ASN A 76 31.52 -11.82 6.27
N MET A 77 31.40 -11.25 5.08
CA MET A 77 32.00 -11.82 3.88
C MET A 77 33.36 -11.18 3.67
N LYS A 78 34.43 -11.95 3.86
CA LYS A 78 35.79 -11.40 3.78
C LYS A 78 36.11 -10.96 2.36
N GLU A 79 36.06 -11.88 1.41
CA GLU A 79 36.32 -11.56 0.01
C GLU A 79 35.70 -12.64 -0.85
N ILE A 80 35.86 -12.50 -2.17
CA ILE A 80 35.37 -13.46 -3.15
C ILE A 80 36.55 -13.93 -3.99
N VAL A 81 36.81 -15.23 -3.98
CA VAL A 81 37.93 -15.81 -4.71
C VAL A 81 37.37 -16.66 -5.85
N THR A 82 38.20 -16.86 -6.88
CA THR A 82 37.80 -17.54 -8.09
C THR A 82 38.61 -18.83 -8.27
N ASP A 83 38.25 -19.59 -9.29
CA ASP A 83 38.96 -20.81 -9.63
C ASP A 83 40.24 -20.47 -10.41
N LYS A 84 40.90 -21.49 -10.95
CA LYS A 84 42.07 -21.30 -11.80
C LYS A 84 41.61 -21.05 -13.22
N GLN A 85 42.17 -20.02 -13.84
CA GLN A 85 41.74 -19.57 -15.16
C GLN A 85 42.87 -19.69 -16.17
N ASP A 86 42.53 -19.49 -17.43
CA ASP A 86 43.48 -19.59 -18.53
C ASP A 86 44.07 -20.98 -18.63
N LYS A 91 39.86 -15.96 -21.46
CA LYS A 91 38.43 -16.21 -21.61
C LYS A 91 38.16 -17.63 -22.09
N LYS A 92 36.89 -17.92 -22.38
CA LYS A 92 36.48 -19.19 -22.96
C LYS A 92 36.88 -20.38 -22.07
N ASP A 93 36.76 -20.16 -20.76
CA ASP A 93 37.06 -21.23 -19.78
C ASP A 93 35.89 -21.32 -18.80
N LYS A 94 35.80 -22.43 -18.09
CA LYS A 94 34.76 -22.65 -17.10
C LYS A 94 35.36 -22.70 -15.70
N GLY A 95 34.65 -22.13 -14.74
CA GLY A 95 35.13 -22.08 -13.38
C GLY A 95 34.12 -21.35 -12.51
N ALA A 96 34.17 -21.66 -11.22
CA ALA A 96 33.22 -21.13 -10.25
C ALA A 96 33.87 -20.06 -9.38
N PHE A 97 33.03 -19.34 -8.65
CA PHE A 97 33.45 -18.37 -7.66
C PHE A 97 33.20 -18.92 -6.26
N TYR A 98 33.92 -18.38 -5.29
CA TYR A 98 33.83 -18.81 -3.90
C TYR A 98 33.67 -17.61 -3.00
N LEU A 99 32.68 -17.64 -2.12
CA LEU A 99 32.49 -16.63 -1.11
C LEU A 99 33.21 -17.03 0.16
N VAL A 100 33.97 -16.09 0.74
CA VAL A 100 34.80 -16.36 1.90
C VAL A 100 34.15 -15.73 3.13
N PHE A 101 33.96 -16.54 4.17
CA PHE A 101 33.44 -16.07 5.44
C PHE A 101 34.34 -16.55 6.56
N GLU A 102 34.34 -15.82 7.67
CA GLU A 102 35.05 -16.27 8.86
C GLU A 102 34.41 -17.57 9.36
N TYR A 103 35.24 -18.55 9.73
CA TYR A 103 34.75 -19.88 10.08
C TYR A 103 34.28 -19.93 11.55
N MET A 104 32.96 -20.02 11.75
CA MET A 104 32.33 -20.22 13.06
C MET A 104 32.53 -21.68 13.48
N ASP A 105 32.60 -21.93 14.80
CA ASP A 105 32.83 -23.33 15.16
C ASP A 105 31.52 -24.17 15.16
N HIS A 106 30.36 -23.62 15.57
CA HIS A 106 29.12 -24.41 15.74
C HIS A 106 27.88 -23.62 15.32
N ASP A 107 26.77 -24.32 15.09
CA ASP A 107 25.46 -23.67 14.94
C ASP A 107 24.55 -24.05 16.09
N LEU A 108 23.45 -23.31 16.24
CA LEU A 108 22.57 -23.52 17.38
C LEU A 108 21.82 -24.85 17.26
N MET A 109 21.26 -25.13 16.09
CA MET A 109 20.47 -26.35 15.93
C MET A 109 21.28 -27.59 16.26
N GLY A 110 22.59 -27.57 16.04
CA GLY A 110 23.42 -28.72 16.32
C GLY A 110 23.74 -28.89 17.78
N LEU A 111 24.06 -27.79 18.47
CA LEU A 111 24.42 -27.90 19.88
C LEU A 111 23.26 -28.40 20.73
N LEU A 112 22.03 -28.05 20.36
CA LEU A 112 20.87 -28.51 21.13
C LEU A 112 20.50 -29.95 20.79
N GLU A 113 20.60 -30.33 19.52
CA GLU A 113 20.41 -31.74 19.16
C GLU A 113 21.51 -32.60 19.73
N SER A 114 22.73 -32.05 19.85
CA SER A 114 23.85 -32.83 20.34
C SER A 114 23.57 -33.44 21.70
N GLY A 115 22.66 -32.85 22.48
CA GLY A 115 22.35 -33.36 23.80
C GLY A 115 23.52 -33.28 24.76
N LEU A 116 24.69 -32.89 24.25
CA LEU A 116 25.90 -32.77 25.05
C LEU A 116 26.10 -31.38 25.61
N VAL A 117 25.21 -30.44 25.29
CA VAL A 117 25.33 -29.06 25.76
C VAL A 117 24.06 -28.66 26.47
N HIS A 118 24.19 -27.69 27.36
CA HIS A 118 23.05 -27.11 28.07
C HIS A 118 23.46 -25.72 28.55
N PHE A 119 22.65 -24.72 28.22
CA PHE A 119 22.99 -23.33 28.46
C PHE A 119 22.36 -22.83 29.75
N SER A 120 23.17 -22.18 30.59
CA SER A 120 22.68 -21.56 31.80
C SER A 120 21.93 -20.28 31.45
N GLU A 121 21.51 -19.54 32.48
CA GLU A 121 20.77 -18.31 32.25
C GLU A 121 21.67 -17.20 31.71
N ASP A 122 22.95 -17.20 32.09
CA ASP A 122 23.88 -16.20 31.58
C ASP A 122 24.34 -16.52 30.17
N HIS A 123 24.37 -17.80 29.80
CA HIS A 123 24.65 -18.17 28.42
C HIS A 123 23.57 -17.64 27.49
N ILE A 124 22.31 -17.79 27.88
CA ILE A 124 21.20 -17.37 27.02
C ILE A 124 21.10 -15.86 26.96
N LYS A 125 21.33 -15.17 28.08
CA LYS A 125 21.27 -13.71 28.08
C LYS A 125 22.27 -13.12 27.10
N SER A 126 23.52 -13.59 27.14
CA SER A 126 24.53 -13.06 26.23
C SER A 126 24.26 -13.45 24.79
N PHE A 127 23.72 -14.66 24.56
CA PHE A 127 23.41 -15.08 23.20
C PHE A 127 22.28 -14.25 22.60
N MET A 128 21.13 -14.21 23.28
CA MET A 128 20.03 -13.37 22.82
C MET A 128 20.46 -11.92 22.69
N LYS A 129 21.34 -11.46 23.58
CA LYS A 129 21.83 -10.10 23.50
C LYS A 129 22.47 -9.82 22.15
N GLN A 130 23.41 -10.67 21.73
CA GLN A 130 24.10 -10.47 20.46
C GLN A 130 23.14 -10.65 19.29
N LEU A 131 22.22 -11.61 19.38
CA LEU A 131 21.29 -11.84 18.30
C LEU A 131 20.35 -10.65 18.09
N MET A 132 19.97 -9.97 19.17
CA MET A 132 19.07 -8.84 19.05
C MET A 132 19.79 -7.57 18.59
N GLU A 133 21.03 -7.38 19.05
CA GLU A 133 21.78 -6.19 18.64
C GLU A 133 22.09 -6.24 17.15
N GLY A 134 22.56 -7.38 16.66
CA GLY A 134 22.77 -7.52 15.22
C GLY A 134 21.48 -7.43 14.44
N LEU A 135 20.37 -7.91 15.01
CA LEU A 135 19.10 -7.83 14.31
C LEU A 135 18.57 -6.40 14.28
N GLU A 136 18.74 -5.65 15.37
CA GLU A 136 18.37 -4.25 15.34
C GLU A 136 19.18 -3.47 14.33
N TYR A 137 20.45 -3.86 14.14
CA TYR A 137 21.27 -3.20 13.13
C TYR A 137 20.76 -3.48 11.72
N CYS A 138 20.20 -4.66 11.48
CA CYS A 138 19.66 -4.98 10.16
C CYS A 138 18.33 -4.29 9.91
N HIS A 139 17.45 -4.27 10.91
CA HIS A 139 16.14 -3.62 10.73
C HIS A 139 16.30 -2.12 10.54
N LYS A 140 17.25 -1.49 11.26
CA LYS A 140 17.49 -0.07 11.08
C LYS A 140 17.97 0.21 9.66
N LYS A 141 18.76 -0.69 9.09
CA LYS A 141 19.21 -0.58 7.71
C LYS A 141 18.12 -0.93 6.71
N ASN A 142 16.90 -1.15 7.21
CA ASN A 142 15.74 -1.43 6.37
C ASN A 142 15.87 -2.78 5.67
N PHE A 143 16.47 -3.74 6.35
CA PHE A 143 16.61 -5.11 5.85
C PHE A 143 15.73 -6.05 6.66
N LEU A 144 15.18 -7.06 5.98
CA LEU A 144 14.41 -8.10 6.63
C LEU A 144 15.13 -9.43 6.42
N HIS A 145 15.54 -10.08 7.51
CA HIS A 145 16.05 -11.47 7.32
C HIS A 145 14.77 -12.27 7.18
N ARG A 146 14.74 -13.33 6.40
CA ARG A 146 13.44 -14.05 6.33
C ARG A 146 13.64 -15.53 6.60
N ASP A 147 14.78 -15.92 7.18
CA ASP A 147 15.09 -17.35 7.43
C ASP A 147 15.59 -17.58 8.85
N ILE A 148 15.37 -16.64 9.78
CA ILE A 148 15.96 -16.78 11.14
C ILE A 148 15.54 -18.12 11.73
N LYS A 149 16.49 -18.99 12.04
CA LYS A 149 16.12 -20.22 12.73
C LYS A 149 17.35 -20.73 13.47
N CYS A 150 17.23 -21.90 14.09
CA CYS A 150 18.34 -22.45 14.86
C CYS A 150 19.52 -22.78 13.96
N SER A 151 19.26 -23.38 12.79
CA SER A 151 20.34 -23.74 11.89
C SER A 151 21.02 -22.53 11.25
N ASN A 152 20.45 -21.33 11.40
CA ASN A 152 21.04 -20.12 10.86
C ASN A 152 21.57 -19.19 11.94
N ILE A 153 21.98 -19.76 13.08
CA ILE A 153 22.58 -19.01 14.18
C ILE A 153 23.90 -19.70 14.51
N LEU A 154 25.00 -19.14 14.04
CA LEU A 154 26.32 -19.73 14.22
C LEU A 154 26.96 -19.23 15.51
N LEU A 155 27.73 -20.10 16.14
CA LEU A 155 28.37 -19.81 17.42
C LEU A 155 29.76 -20.42 17.44
N ASN A 156 30.78 -19.58 17.57
CA ASN A 156 32.14 -20.05 17.71
C ASN A 156 32.41 -20.48 19.16
N ASN A 157 33.56 -21.10 19.37
CA ASN A 157 33.92 -21.55 20.72
C ASN A 157 34.27 -20.41 21.66
N SER A 158 34.33 -19.17 21.16
CA SER A 158 34.56 -18.02 22.02
C SER A 158 33.30 -17.57 22.75
N GLY A 159 32.12 -17.97 22.27
CA GLY A 159 30.87 -17.50 22.80
C GLY A 159 30.23 -16.38 22.03
N GLN A 160 30.72 -16.09 20.82
CA GLN A 160 30.19 -15.01 20.01
C GLN A 160 29.15 -15.54 19.04
N ILE A 161 27.98 -14.91 19.02
CA ILE A 161 26.86 -15.33 18.18
C ILE A 161 26.89 -14.55 16.88
N LYS A 162 26.50 -15.21 15.79
CA LYS A 162 26.45 -14.54 14.48
C LYS A 162 25.27 -15.05 13.67
N LEU A 163 24.55 -14.15 12.98
CA LEU A 163 23.46 -14.57 12.07
C LEU A 163 24.17 -15.24 10.90
N ALA A 164 23.56 -16.25 10.28
CA ALA A 164 24.33 -17.07 9.31
C ALA A 164 24.21 -16.68 7.84
N ASP A 165 23.08 -16.94 7.20
CA ASP A 165 23.02 -16.74 5.75
C ASP A 165 21.79 -15.92 5.39
N PHE A 166 21.99 -14.95 4.50
CA PHE A 166 20.93 -14.03 4.09
C PHE A 166 20.43 -14.34 2.68
N GLY A 167 20.13 -15.62 2.42
CA GLY A 167 19.62 -15.98 1.12
C GLY A 167 18.25 -15.38 0.82
N LEU A 168 17.43 -15.19 1.85
CA LEU A 168 16.07 -14.69 1.69
C LEU A 168 15.90 -13.26 2.21
N ALA A 169 16.98 -12.52 2.36
CA ALA A 169 16.90 -11.16 2.85
C ALA A 169 16.51 -10.21 1.71
N ARG A 170 15.97 -9.08 2.12
CA ARG A 170 15.45 -8.09 1.15
C ARG A 170 15.46 -6.72 1.84
N LEU A 171 15.25 -5.65 1.08
CA LEU A 171 15.04 -4.33 1.66
C LEU A 171 13.63 -4.19 2.20
N TYR A 172 13.39 -3.05 2.86
CA TYR A 172 12.09 -2.78 3.47
C TYR A 172 11.85 -1.27 3.42
N ASN A 173 10.77 -0.86 2.75
CA ASN A 173 10.43 0.55 2.63
C ASN A 173 9.69 0.97 3.89
N SER A 174 10.41 1.64 4.80
CA SER A 174 9.82 2.06 6.06
C SER A 174 8.88 3.24 5.90
N GLU A 175 9.04 4.04 4.86
CA GLU A 175 8.18 5.20 4.63
C GLU A 175 6.75 4.77 4.35
N GLU A 176 6.52 4.15 3.20
CA GLU A 176 5.21 3.69 2.79
C GLU A 176 5.23 2.17 2.66
N SER A 177 4.22 1.51 3.22
CA SER A 177 4.15 0.06 3.16
C SER A 177 3.89 -0.40 1.72
N ARG A 178 4.64 -1.40 1.28
CA ARG A 178 4.52 -1.97 -0.05
C ARG A 178 4.52 -3.48 0.06
N PRO A 179 3.95 -4.17 -0.92
CA PRO A 179 3.82 -5.64 -0.82
C PRO A 179 5.17 -6.34 -0.89
N TYR A 180 5.22 -7.51 -0.24
CA TYR A 180 6.41 -8.34 -0.26
C TYR A 180 6.04 -9.79 -0.56
N TPO A 181 7.02 -10.68 -0.43
CA TPO A 181 6.81 -12.13 -0.67
CB TPO A 181 8.11 -12.80 -1.11
CG2 TPO A 181 7.91 -14.23 -1.54
OG1 TPO A 181 8.58 -12.04 -2.26
P TPO A 181 10.15 -11.98 -2.54
O1P TPO A 181 10.31 -11.15 -3.79
O2P TPO A 181 10.59 -13.41 -2.70
O3P TPO A 181 10.73 -11.32 -1.31
C TPO A 181 6.26 -12.76 0.59
O TPO A 181 6.78 -12.47 1.68
N ASN A 182 5.25 -13.61 0.43
CA ASN A 182 4.62 -14.31 1.59
C ASN A 182 5.50 -15.41 2.19
N LYS A 183 5.49 -16.61 1.60
CA LYS A 183 6.19 -17.76 2.15
C LYS A 183 7.65 -17.51 2.19
N VAL A 184 8.23 -17.42 3.39
CA VAL A 184 9.63 -17.04 3.54
C VAL A 184 10.34 -17.91 4.57
N ILE A 185 9.72 -18.05 5.74
CA ILE A 185 10.38 -18.69 6.89
C ILE A 185 9.95 -20.15 6.98
N THR A 186 10.82 -20.96 7.58
CA THR A 186 10.45 -22.35 7.87
C THR A 186 9.22 -22.38 8.76
N LEU A 187 8.40 -23.42 8.59
CA LEU A 187 7.08 -23.46 9.22
C LEU A 187 7.18 -23.38 10.73
N TRP A 188 8.27 -23.87 11.33
CA TRP A 188 8.35 -23.90 12.78
C TRP A 188 8.53 -22.51 13.38
N TYR A 189 9.10 -21.58 12.63
CA TYR A 189 9.38 -20.23 13.13
C TYR A 189 8.55 -19.17 12.43
N ARG A 190 7.61 -19.58 11.58
CA ARG A 190 6.82 -18.61 10.83
C ARG A 190 5.72 -18.02 11.71
N PRO A 191 5.56 -16.70 11.75
CA PRO A 191 4.53 -16.09 12.59
C PRO A 191 3.15 -16.31 11.99
N PRO A 192 2.09 -15.99 12.74
CA PRO A 192 0.73 -16.23 12.21
C PRO A 192 0.40 -15.41 10.97
N GLU A 193 0.70 -14.11 10.98
CA GLU A 193 0.33 -13.26 9.86
C GLU A 193 0.84 -13.81 8.54
N LEU A 194 2.00 -14.47 8.55
CA LEU A 194 2.48 -15.12 7.33
C LEU A 194 1.69 -16.38 7.03
N LEU A 195 1.25 -17.10 8.08
CA LEU A 195 0.41 -18.28 7.88
C LEU A 195 -0.96 -17.92 7.32
N LEU A 196 -1.43 -16.69 7.53
CA LEU A 196 -2.73 -16.26 7.03
C LEU A 196 -2.63 -15.49 5.71
N GLY A 197 -1.44 -15.37 5.14
CA GLY A 197 -1.31 -14.78 3.82
C GLY A 197 -1.03 -13.30 3.76
N GLU A 198 -0.41 -12.73 4.79
CA GLU A 198 -0.04 -11.33 4.74
C GLU A 198 1.16 -11.12 3.84
N GLU A 199 1.09 -10.10 2.98
CA GLU A 199 2.20 -9.76 2.09
C GLU A 199 2.78 -8.38 2.35
N ARG A 200 2.06 -7.49 3.03
CA ARG A 200 2.58 -6.19 3.45
C ARG A 200 3.09 -6.24 4.88
N TYR A 201 3.84 -7.28 5.22
CA TYR A 201 4.30 -7.49 6.57
C TYR A 201 5.46 -6.56 6.92
N THR A 202 5.71 -6.42 8.21
CA THR A 202 6.74 -5.52 8.73
C THR A 202 7.94 -6.35 9.20
N PRO A 203 8.97 -5.71 9.76
CA PRO A 203 10.10 -6.47 10.31
C PRO A 203 9.71 -7.37 11.48
N ALA A 204 8.44 -7.30 11.89
CA ALA A 204 7.97 -8.10 13.02
C ALA A 204 8.01 -9.59 12.76
N ILE A 205 8.18 -10.02 11.50
CA ILE A 205 8.20 -11.44 11.22
C ILE A 205 9.47 -12.09 11.79
N ASP A 206 10.54 -11.31 11.95
CA ASP A 206 11.77 -11.83 12.53
C ASP A 206 11.68 -11.92 14.05
N VAL A 207 11.07 -10.91 14.68
CA VAL A 207 10.92 -10.92 16.13
C VAL A 207 10.19 -12.18 16.58
N TRP A 208 9.22 -12.64 15.80
CA TRP A 208 8.53 -13.88 16.14
C TRP A 208 9.48 -15.07 16.07
N SER A 209 10.22 -15.20 14.96
CA SER A 209 11.15 -16.32 14.82
C SER A 209 12.21 -16.27 15.92
N CYS A 210 12.63 -15.07 16.32
CA CYS A 210 13.57 -14.97 17.44
C CYS A 210 12.91 -15.37 18.75
N GLY A 211 11.60 -15.14 18.89
CA GLY A 211 10.90 -15.58 20.07
C GLY A 211 10.92 -17.09 20.24
N CYS A 212 10.88 -17.83 19.12
CA CYS A 212 10.99 -19.28 19.21
C CYS A 212 12.40 -19.72 19.53
N ILE A 213 13.41 -18.92 19.15
CA ILE A 213 14.78 -19.23 19.54
C ILE A 213 14.94 -19.12 21.05
N LEU A 214 14.36 -18.08 21.65
CA LEU A 214 14.43 -17.93 23.10
C LEU A 214 13.67 -19.05 23.81
N GLY A 215 12.47 -19.38 23.32
CA GLY A 215 11.72 -20.50 23.87
C GLY A 215 12.39 -21.84 23.64
N GLU A 216 13.23 -21.95 22.61
CA GLU A 216 13.92 -23.20 22.32
C GLU A 216 15.15 -23.39 23.21
N LEU A 217 15.76 -22.30 23.66
CA LEU A 217 16.91 -22.42 24.55
C LEU A 217 16.52 -22.97 25.91
N PHE A 218 15.31 -22.68 26.37
CA PHE A 218 14.82 -23.19 27.65
C PHE A 218 14.13 -24.53 27.53
N THR A 219 13.95 -25.04 26.31
CA THR A 219 13.28 -26.31 26.10
C THR A 219 14.09 -27.32 25.30
N LYS A 220 15.16 -26.89 24.63
CA LYS A 220 16.00 -27.75 23.81
C LYS A 220 15.23 -28.42 22.68
N LYS A 221 14.01 -27.96 22.40
CA LYS A 221 13.18 -28.52 21.35
C LYS A 221 12.28 -27.41 20.81
N PRO A 222 12.05 -27.37 19.50
CA PRO A 222 11.19 -26.31 18.94
C PRO A 222 9.82 -26.32 19.60
N ILE A 223 9.32 -25.12 19.90
CA ILE A 223 8.03 -25.00 20.58
C ILE A 223 6.90 -25.40 19.64
N PHE A 224 6.99 -25.02 18.37
CA PHE A 224 5.96 -25.32 17.38
C PHE A 224 6.55 -26.25 16.32
N GLN A 225 5.97 -27.43 16.19
CA GLN A 225 6.43 -28.43 15.23
C GLN A 225 5.23 -29.01 14.50
N ALA A 226 5.01 -28.53 13.28
CA ALA A 226 3.94 -29.04 12.42
C ALA A 226 4.45 -29.11 10.99
N ASN A 227 3.70 -29.82 10.15
CA ASN A 227 4.10 -30.03 8.77
C ASN A 227 3.32 -29.19 7.77
N LEU A 228 2.09 -28.80 8.10
CA LEU A 228 1.28 -27.96 7.21
C LEU A 228 0.90 -26.68 7.93
N GLU A 229 0.68 -25.62 7.14
CA GLU A 229 0.39 -24.31 7.71
C GLU A 229 -0.84 -24.34 8.61
N LEU A 230 -1.84 -25.15 8.25
CA LEU A 230 -3.07 -25.22 9.05
C LEU A 230 -2.80 -25.88 10.40
N ALA A 231 -2.08 -27.00 10.40
CA ALA A 231 -1.73 -27.65 11.66
C ALA A 231 -0.75 -26.80 12.47
N GLN A 232 0.07 -25.99 11.80
CA GLN A 232 0.96 -25.08 12.51
C GLN A 232 0.17 -24.02 13.25
N LEU A 233 -0.83 -23.42 12.57
CA LEU A 233 -1.68 -22.44 13.24
C LEU A 233 -2.44 -23.07 14.40
N GLU A 234 -2.70 -24.37 14.33
CA GLU A 234 -3.37 -25.06 15.44
C GLU A 234 -2.48 -25.10 16.67
N LEU A 235 -1.20 -25.43 16.48
CA LEU A 235 -0.29 -25.56 17.63
C LEU A 235 0.01 -24.20 18.23
N ILE A 236 0.15 -23.16 17.40
CA ILE A 236 0.46 -21.83 17.92
C ILE A 236 -0.71 -21.30 18.74
N SER A 237 -1.94 -21.47 18.24
CA SER A 237 -3.11 -20.97 18.95
C SER A 237 -3.29 -21.69 20.29
N ARG A 238 -2.96 -22.98 20.34
CA ARG A 238 -3.12 -23.73 21.59
C ARG A 238 -2.28 -23.14 22.72
N LEU A 239 -1.22 -22.40 22.40
CA LEU A 239 -0.35 -21.79 23.39
C LEU A 239 -0.54 -20.28 23.49
N CYS A 240 -0.45 -19.58 22.36
CA CYS A 240 -0.56 -18.12 22.37
C CYS A 240 -1.99 -17.63 22.41
N GLY A 241 -2.97 -18.49 22.15
CA GLY A 241 -4.35 -18.07 22.08
C GLY A 241 -4.85 -17.99 20.64
N SER A 242 -6.17 -17.95 20.50
CA SER A 242 -6.65 -17.94 19.12
C SER A 242 -6.72 -16.52 18.58
N PRO A 243 -6.35 -16.31 17.32
CA PRO A 243 -6.45 -14.97 16.73
C PRO A 243 -7.90 -14.56 16.55
N CYS A 244 -8.19 -13.32 16.92
CA CYS A 244 -9.52 -12.74 16.77
C CYS A 244 -9.41 -11.25 17.05
N PRO A 245 -10.37 -10.45 16.56
CA PRO A 245 -10.24 -8.99 16.65
C PRO A 245 -10.08 -8.45 18.06
N ALA A 246 -10.37 -9.25 19.09
CA ALA A 246 -10.27 -8.75 20.46
C ALA A 246 -8.84 -8.33 20.78
N VAL A 247 -7.85 -9.10 20.32
CA VAL A 247 -6.45 -8.82 20.57
C VAL A 247 -5.69 -8.43 19.31
N TRP A 248 -6.39 -8.28 18.18
CA TRP A 248 -5.75 -8.08 16.89
C TRP A 248 -6.75 -7.45 15.94
N PRO A 249 -6.88 -6.12 15.96
CA PRO A 249 -7.99 -5.48 15.21
C PRO A 249 -7.98 -5.76 13.72
N ASP A 250 -6.83 -6.11 13.13
CA ASP A 250 -6.73 -6.30 11.68
C ASP A 250 -6.66 -7.78 11.29
N VAL A 251 -6.90 -8.70 12.22
CA VAL A 251 -6.87 -10.11 11.88
C VAL A 251 -7.97 -10.47 10.89
N ILE A 252 -9.04 -9.66 10.84
CA ILE A 252 -10.13 -9.92 9.91
C ILE A 252 -9.73 -9.66 8.47
N LYS A 253 -8.71 -8.83 8.25
CA LYS A 253 -8.29 -8.46 6.90
C LYS A 253 -7.43 -9.51 6.22
N LEU A 254 -7.07 -10.59 6.92
CA LEU A 254 -6.13 -11.52 6.33
C LEU A 254 -6.86 -12.51 5.44
N PRO A 255 -6.25 -12.93 4.32
CA PRO A 255 -6.98 -13.76 3.35
C PRO A 255 -7.51 -15.06 3.93
N TYR A 256 -6.67 -15.81 4.63
CA TYR A 256 -7.04 -17.14 5.12
C TYR A 256 -7.63 -17.13 6.52
N PHE A 257 -8.05 -15.96 7.01
CA PHE A 257 -8.56 -15.86 8.37
C PHE A 257 -9.74 -16.80 8.60
N ASN A 258 -10.86 -16.55 7.92
CA ASN A 258 -12.04 -17.40 8.08
C ASN A 258 -11.80 -18.81 7.56
N THR A 259 -10.81 -19.00 6.67
CA THR A 259 -10.55 -20.33 6.12
C THR A 259 -9.86 -21.22 7.15
N MET A 260 -8.78 -20.72 7.76
CA MET A 260 -7.99 -21.49 8.71
C MET A 260 -8.43 -21.15 10.13
N LYS A 261 -9.57 -21.71 10.51
CA LYS A 261 -10.06 -21.50 11.88
C LYS A 261 -9.56 -22.61 12.78
N PRO A 262 -9.00 -22.28 13.95
CA PRO A 262 -8.61 -23.34 14.89
C PRO A 262 -9.82 -24.16 15.32
N LYS A 263 -9.55 -25.40 15.75
CA LYS A 263 -10.62 -26.28 16.18
C LYS A 263 -11.38 -25.73 17.38
N LYS A 264 -10.84 -24.73 18.07
CA LYS A 264 -11.48 -24.17 19.24
C LYS A 264 -11.03 -22.72 19.39
N GLN A 265 -11.67 -22.01 20.32
CA GLN A 265 -11.31 -20.64 20.67
C GLN A 265 -10.50 -20.71 21.95
N TYR A 266 -9.18 -20.78 21.80
CA TYR A 266 -8.29 -21.03 22.92
C TYR A 266 -7.97 -19.75 23.68
N ARG A 267 -7.56 -19.94 24.94
CA ARG A 267 -7.12 -18.85 25.80
C ARG A 267 -5.60 -18.91 25.96
N ARG A 268 -5.00 -17.73 26.09
CA ARG A 268 -3.55 -17.63 26.18
C ARG A 268 -3.07 -18.19 27.51
N ARG A 269 -2.37 -19.32 27.46
CA ARG A 269 -1.82 -19.97 28.64
C ARG A 269 -0.30 -20.07 28.54
N LEU A 270 0.32 -19.03 27.97
CA LEU A 270 1.76 -19.07 27.73
C LEU A 270 2.54 -19.04 29.05
N ARG A 271 2.24 -18.07 29.91
CA ARG A 271 2.92 -18.01 31.20
C ARG A 271 2.68 -19.25 32.04
N GLU A 272 1.66 -20.05 31.69
CA GLU A 272 1.38 -21.29 32.41
C GLU A 272 2.35 -22.39 32.02
N GLU A 273 2.54 -22.60 30.72
CA GLU A 273 3.40 -23.68 30.23
C GLU A 273 4.88 -23.33 30.28
N PHE A 274 5.24 -22.07 30.52
CA PHE A 274 6.63 -21.64 30.58
C PHE A 274 6.88 -20.86 31.86
N SER A 275 6.56 -21.48 33.00
CA SER A 275 6.83 -20.86 34.30
C SER A 275 8.19 -21.22 34.85
N PHE A 276 8.78 -22.35 34.45
CA PHE A 276 10.14 -22.67 34.87
C PHE A 276 11.14 -21.66 34.32
N ILE A 277 10.77 -20.94 33.27
CA ILE A 277 11.64 -19.87 32.74
C ILE A 277 11.65 -18.72 33.73
N PRO A 278 12.77 -18.01 33.89
CA PRO A 278 12.77 -16.82 34.76
C PRO A 278 11.68 -15.83 34.36
N SER A 279 11.24 -14.99 35.30
CA SER A 279 10.13 -14.08 35.03
C SER A 279 10.52 -13.03 33.98
N ALA A 280 11.71 -12.45 34.11
CA ALA A 280 12.14 -11.46 33.14
C ALA A 280 12.23 -12.05 31.74
N ALA A 281 12.72 -13.29 31.63
CA ALA A 281 12.75 -13.96 30.34
C ALA A 281 11.35 -14.27 29.85
N LEU A 282 10.44 -14.63 30.77
CA LEU A 282 9.05 -14.86 30.40
C LEU A 282 8.38 -13.57 29.93
N ASP A 283 8.75 -12.43 30.53
CA ASP A 283 8.22 -11.16 30.07
C ASP A 283 8.61 -10.87 28.63
N LEU A 284 9.90 -11.08 28.32
CA LEU A 284 10.36 -10.86 26.94
C LEU A 284 9.76 -11.89 25.99
N LEU A 285 9.59 -13.12 26.45
CA LEU A 285 8.99 -14.15 25.61
C LEU A 285 7.53 -13.82 25.29
N ASP A 286 6.80 -13.30 26.28
CA ASP A 286 5.40 -12.96 26.05
C ASP A 286 5.27 -11.80 25.08
N HIS A 287 6.12 -10.78 25.22
CA HIS A 287 6.06 -9.62 24.32
C HIS A 287 6.54 -9.95 22.92
N MET A 288 7.25 -11.06 22.74
CA MET A 288 7.70 -11.47 21.42
C MET A 288 6.76 -12.45 20.74
N LEU A 289 5.85 -13.07 21.50
CA LEU A 289 4.88 -13.98 20.91
C LEU A 289 3.46 -13.44 21.05
N THR A 290 3.25 -12.21 20.58
CA THR A 290 1.92 -11.60 20.55
C THR A 290 1.42 -11.65 19.11
N LEU A 291 0.24 -12.26 18.90
CA LEU A 291 -0.23 -12.52 17.55
C LEU A 291 -0.27 -11.25 16.70
N ASP A 292 -0.78 -10.17 17.26
CA ASP A 292 -0.85 -8.91 16.51
C ASP A 292 0.55 -8.35 16.32
N PRO A 293 1.03 -8.20 15.08
CA PRO A 293 2.37 -7.64 14.87
C PRO A 293 2.48 -6.17 15.24
N SER A 294 1.35 -5.44 15.30
CA SER A 294 1.41 -4.02 15.64
C SER A 294 1.78 -3.79 17.10
N LYS A 295 1.53 -4.76 17.96
CA LYS A 295 1.91 -4.67 19.37
C LYS A 295 3.14 -5.50 19.71
N ARG A 296 3.55 -6.39 18.81
CA ARG A 296 4.76 -7.18 19.01
C ARG A 296 5.96 -6.25 19.11
N CYS A 297 6.78 -6.44 20.15
CA CYS A 297 7.88 -5.52 20.40
C CYS A 297 8.88 -5.53 19.25
N THR A 298 9.43 -4.36 18.95
CA THR A 298 10.46 -4.24 17.93
C THR A 298 11.78 -4.82 18.45
N ALA A 299 12.79 -4.85 17.58
CA ALA A 299 14.10 -5.34 17.99
C ALA A 299 14.72 -4.46 19.06
N GLU A 300 14.54 -3.13 18.94
CA GLU A 300 15.08 -2.22 19.94
C GLU A 300 14.40 -2.43 21.29
N GLN A 301 13.10 -2.72 21.28
CA GLN A 301 12.36 -2.87 22.53
C GLN A 301 12.76 -4.13 23.29
N THR A 302 13.35 -5.11 22.61
CA THR A 302 13.87 -6.28 23.31
C THR A 302 15.19 -5.99 24.00
N LEU A 303 16.02 -5.12 23.40
CA LEU A 303 17.26 -4.70 24.04
C LEU A 303 17.01 -3.83 25.26
N GLN A 304 15.82 -3.25 25.38
CA GLN A 304 15.46 -2.41 26.52
C GLN A 304 14.74 -3.18 27.61
N SER A 305 14.43 -4.46 27.39
CA SER A 305 13.74 -5.24 28.40
C SER A 305 14.63 -5.48 29.61
N ASP A 306 14.01 -5.92 30.70
CA ASP A 306 14.76 -6.18 31.92
C ASP A 306 15.72 -7.35 31.75
N PHE A 307 15.40 -8.29 30.87
CA PHE A 307 16.20 -9.49 30.69
C PHE A 307 17.47 -9.24 29.87
N LEU A 308 17.61 -8.05 29.27
CA LEU A 308 18.78 -7.76 28.45
C LEU A 308 19.34 -6.36 28.64
N LYS A 309 18.72 -5.52 29.47
CA LYS A 309 19.15 -4.13 29.57
C LYS A 309 20.52 -4.01 30.22
N ASP A 310 20.78 -4.80 31.26
CA ASP A 310 22.03 -4.72 32.01
C ASP A 310 23.02 -5.82 31.62
N VAL A 311 22.81 -6.48 30.49
CA VAL A 311 23.69 -7.56 30.06
C VAL A 311 25.00 -6.94 29.58
N GLU A 312 26.07 -7.15 30.33
CA GLU A 312 27.41 -6.68 29.97
C GLU A 312 28.15 -7.83 29.30
N LEU A 313 28.46 -7.65 28.01
CA LEU A 313 29.10 -8.72 27.25
C LEU A 313 30.56 -8.92 27.66
N SER A 314 31.24 -7.85 28.07
CA SER A 314 32.65 -7.98 28.43
C SER A 314 32.84 -8.86 29.65
N LYS A 315 31.94 -8.75 30.63
CA LYS A 315 32.03 -9.53 31.87
C LYS A 315 31.32 -10.86 31.79
N MET A 316 31.33 -11.51 30.62
CA MET A 316 30.67 -12.78 30.41
C MET A 316 31.69 -13.90 30.31
N ALA A 317 31.40 -15.03 30.96
CA ALA A 317 32.29 -16.17 30.92
C ALA A 317 31.99 -17.03 29.69
N PRO A 318 33.01 -17.57 29.03
CA PRO A 318 32.78 -18.39 27.85
C PRO A 318 31.99 -19.62 28.20
N PRO A 319 31.14 -20.10 27.31
CA PRO A 319 30.32 -21.28 27.60
C PRO A 319 31.17 -22.54 27.65
N ASP A 320 30.53 -23.64 28.09
CA ASP A 320 31.16 -24.95 28.09
C ASP A 320 30.95 -25.62 26.73
N LEU A 321 31.55 -25.00 25.71
CA LEU A 321 31.39 -25.44 24.34
C LEU A 321 32.40 -26.53 24.00
N PRO A 322 31.99 -27.64 23.41
CA PRO A 322 32.94 -28.69 23.06
C PRO A 322 33.91 -28.23 21.97
N HIS A 323 35.16 -28.64 22.11
CA HIS A 323 36.20 -28.34 21.13
C HIS A 323 36.38 -29.45 20.09
N TRP A 324 35.77 -30.58 20.43
CA TRP A 324 35.85 -31.79 19.59
C TRP A 324 34.66 -31.75 18.64
N GLN A 325 34.80 -31.03 17.53
CA GLN A 325 33.75 -31.00 16.50
C GLN A 325 33.48 -32.46 16.16
N ASP A 326 32.22 -32.89 16.09
CA ASP A 326 31.81 -34.32 15.92
C ASP A 326 32.24 -35.06 14.64
N CYS A 327 33.24 -34.63 13.82
CA CYS A 327 33.70 -35.55 12.74
C CYS A 327 35.13 -35.17 12.34
N HIS A 328 35.35 -34.98 11.03
CA HIS A 328 36.66 -34.60 10.43
C HIS A 328 37.81 -35.38 11.08
N THR B 21 37.76 -1.21 2.63
CA THR B 21 36.33 -1.47 2.60
C THR B 21 35.75 -1.24 1.21
N LYS B 22 35.48 0.02 0.87
CA LYS B 22 34.90 0.23 -0.44
C LYS B 22 35.97 0.66 -1.44
N PRO B 23 35.89 0.17 -2.67
CA PRO B 23 36.85 0.61 -3.70
C PRO B 23 36.53 2.02 -4.17
N CYS B 24 37.56 2.67 -4.72
CA CYS B 24 37.42 4.00 -5.29
C CYS B 24 37.15 3.87 -6.79
N TRP B 25 36.03 4.44 -7.24
CA TRP B 25 35.59 4.32 -8.62
C TRP B 25 35.60 5.67 -9.33
N TYR B 26 36.63 6.47 -9.09
CA TYR B 26 36.74 7.79 -9.70
C TYR B 26 38.19 8.08 -10.06
N TRP B 27 38.39 8.71 -11.21
CA TRP B 27 39.71 8.97 -11.75
C TRP B 27 39.89 10.46 -12.00
N ASP B 28 41.16 10.88 -12.02
CA ASP B 28 41.50 12.24 -12.37
C ASP B 28 41.29 12.46 -13.87
N LYS B 29 41.50 13.70 -14.31
CA LYS B 29 41.52 13.95 -15.75
C LYS B 29 42.74 13.34 -16.41
N LYS B 30 43.85 13.24 -15.67
CA LYS B 30 45.04 12.59 -16.21
C LYS B 30 44.90 11.07 -16.22
N ASP B 31 44.21 10.50 -15.22
CA ASP B 31 43.98 9.07 -15.21
C ASP B 31 43.13 8.63 -16.39
N LEU B 32 42.22 9.48 -16.85
CA LEU B 32 41.36 9.17 -17.99
C LEU B 32 42.06 9.34 -19.32
N ALA B 33 43.33 9.74 -19.33
CA ALA B 33 44.09 9.87 -20.56
C ALA B 33 45.03 8.69 -20.82
N HIS B 34 45.24 7.83 -19.82
CA HIS B 34 46.13 6.67 -19.93
C HIS B 34 45.35 5.38 -19.74
N THR B 35 44.16 5.31 -20.33
CA THR B 35 43.37 4.09 -20.23
C THR B 35 44.07 2.95 -20.96
N PRO B 36 43.73 1.70 -20.64
CA PRO B 36 44.35 0.57 -21.35
C PRO B 36 44.22 0.67 -22.86
N SER B 37 43.20 1.36 -23.36
CA SER B 37 43.08 1.56 -24.80
C SER B 37 44.10 2.59 -25.29
N GLN B 38 44.35 3.62 -24.50
CA GLN B 38 45.37 4.61 -24.86
C GLN B 38 46.76 3.97 -24.91
N LEU B 39 47.04 3.06 -23.97
CA LEU B 39 48.34 2.42 -23.95
C LEU B 39 48.56 1.55 -25.18
N GLU B 40 47.52 0.84 -25.62
CA GLU B 40 47.63 -0.03 -26.78
C GLU B 40 47.51 0.72 -28.10
N GLY B 41 47.58 2.04 -28.09
CA GLY B 41 47.72 2.83 -29.29
C GLY B 41 46.48 3.60 -29.71
N LEU B 42 45.30 3.21 -29.24
CA LEU B 42 44.07 3.87 -29.67
C LEU B 42 44.08 5.34 -29.28
N ASP B 43 43.60 6.19 -30.19
CA ASP B 43 43.61 7.63 -29.95
C ASP B 43 42.41 8.03 -29.10
N PRO B 44 42.51 9.15 -28.38
CA PRO B 44 41.39 9.59 -27.53
C PRO B 44 40.11 9.85 -28.31
N ALA B 45 40.22 10.37 -29.53
CA ALA B 45 39.01 10.65 -30.30
C ALA B 45 38.25 9.36 -30.62
N THR B 46 38.97 8.31 -31.01
CA THR B 46 38.30 7.06 -31.34
C THR B 46 37.73 6.38 -30.09
N GLU B 47 38.46 6.45 -28.98
CA GLU B 47 37.92 5.90 -27.74
C GLU B 47 36.67 6.66 -27.31
N ALA B 48 36.66 7.98 -27.49
CA ALA B 48 35.46 8.75 -27.19
C ALA B 48 34.29 8.29 -28.04
N ARG B 49 34.56 7.89 -29.29
CA ARG B 49 33.49 7.38 -30.15
C ARG B 49 33.07 5.98 -29.73
N TYR B 50 34.03 5.16 -29.28
CA TYR B 50 33.69 3.81 -28.85
C TYR B 50 32.79 3.82 -27.62
N ARG B 51 32.92 4.82 -26.75
CA ARG B 51 32.08 4.88 -25.56
C ARG B 51 30.69 5.42 -25.87
N ARG B 52 30.56 6.33 -26.83
CA ARG B 52 29.24 6.80 -27.23
C ARG B 52 28.45 5.67 -27.89
N GLU B 53 29.08 4.96 -28.84
CA GLU B 53 28.39 3.87 -29.52
C GLU B 53 28.01 2.77 -28.54
N GLY B 54 28.79 2.57 -27.48
CA GLY B 54 28.49 1.56 -26.49
C GLY B 54 27.39 1.97 -25.54
N ALA B 55 27.47 3.21 -25.04
CA ALA B 55 26.44 3.70 -24.13
C ALA B 55 25.09 3.77 -24.83
N ARG B 56 25.05 4.31 -26.05
CA ARG B 56 23.80 4.39 -26.78
C ARG B 56 23.32 3.03 -27.27
N PHE B 57 24.22 2.05 -27.39
CA PHE B 57 23.78 0.70 -27.67
C PHE B 57 23.06 0.10 -26.48
N ILE B 58 23.67 0.21 -25.29
CA ILE B 58 23.01 -0.27 -24.07
C ILE B 58 21.69 0.46 -23.86
N PHE B 59 21.68 1.78 -24.09
CA PHE B 59 20.48 2.57 -23.87
C PHE B 59 19.34 2.09 -24.76
N ASP B 60 19.61 1.94 -26.06
CA ASP B 60 18.56 1.57 -27.01
C ASP B 60 18.09 0.14 -26.77
N VAL B 61 19.02 -0.80 -26.61
CA VAL B 61 18.65 -2.19 -26.40
C VAL B 61 17.83 -2.33 -25.12
N GLY B 62 18.14 -1.52 -24.11
CA GLY B 62 17.34 -1.55 -22.89
C GLY B 62 16.00 -0.87 -23.03
N THR B 63 15.92 0.17 -23.85
CA THR B 63 14.64 0.85 -24.08
C THR B 63 13.66 -0.05 -24.82
N ARG B 64 14.13 -0.69 -25.89
CA ARG B 64 13.26 -1.61 -26.64
C ARG B 64 12.80 -2.78 -25.79
N LEU B 65 13.55 -3.14 -24.75
CA LEU B 65 13.18 -4.24 -23.87
C LEU B 65 12.31 -3.81 -22.70
N GLY B 66 12.00 -2.53 -22.58
CA GLY B 66 11.15 -2.05 -21.51
C GLY B 66 11.87 -1.74 -20.21
N LEU B 67 13.20 -1.74 -20.21
CA LEU B 67 13.94 -1.40 -19.01
C LEU B 67 13.86 0.11 -18.74
N HIS B 68 14.06 0.48 -17.48
CA HIS B 68 13.88 1.85 -17.03
C HIS B 68 15.23 2.49 -16.72
N TYR B 69 15.18 3.73 -16.23
CA TYR B 69 16.37 4.58 -16.22
C TYR B 69 17.44 4.07 -15.27
N ASP B 70 17.05 3.54 -14.11
CA ASP B 70 18.06 3.07 -13.17
C ASP B 70 18.78 1.83 -13.66
N THR B 71 18.18 1.06 -14.57
CA THR B 71 18.85 -0.12 -15.10
C THR B 71 19.80 0.23 -16.24
N LEU B 72 19.39 1.12 -17.13
CA LEU B 72 20.24 1.48 -18.26
C LEU B 72 21.50 2.20 -17.80
N ALA B 73 21.37 3.08 -16.80
CA ALA B 73 22.55 3.79 -16.30
C ALA B 73 23.51 2.83 -15.61
N THR B 74 22.99 1.89 -14.83
CA THR B 74 23.86 0.93 -14.14
C THR B 74 24.68 0.14 -15.14
N GLY B 75 24.05 -0.35 -16.20
CA GLY B 75 24.80 -1.05 -17.24
C GLY B 75 25.83 -0.17 -17.91
N ILE B 76 25.47 1.10 -18.16
CA ILE B 76 26.40 2.02 -18.79
C ILE B 76 27.57 2.34 -17.86
N ILE B 77 27.32 2.35 -16.55
CA ILE B 77 28.42 2.59 -15.60
C ILE B 77 29.35 1.40 -15.56
N TYR B 78 28.79 0.18 -15.59
CA TYR B 78 29.64 -1.01 -15.72
C TYR B 78 30.47 -0.94 -17.00
N PHE B 79 29.88 -0.41 -18.07
CA PHE B 79 30.59 -0.32 -19.35
C PHE B 79 31.78 0.63 -19.25
N HIS B 80 31.57 1.83 -18.69
CA HIS B 80 32.67 2.79 -18.56
C HIS B 80 33.74 2.27 -17.62
N ARG B 81 33.35 1.62 -16.52
CA ARG B 81 34.33 1.09 -15.58
C ARG B 81 35.10 -0.08 -16.18
N PHE B 82 34.43 -0.91 -16.97
CA PHE B 82 35.09 -2.08 -17.55
C PHE B 82 36.29 -1.66 -18.39
N TYR B 83 36.10 -0.67 -19.27
CA TYR B 83 37.18 -0.23 -20.15
C TYR B 83 38.15 0.71 -19.46
N MET B 84 38.05 0.86 -18.14
CA MET B 84 39.14 1.45 -17.38
C MET B 84 40.22 0.42 -17.05
N PHE B 85 39.87 -0.88 -17.12
CA PHE B 85 40.81 -1.96 -16.82
C PHE B 85 41.13 -2.82 -18.04
N HIS B 86 40.35 -2.72 -19.11
CA HIS B 86 40.59 -3.48 -20.32
C HIS B 86 40.56 -2.54 -21.52
N SER B 87 41.13 -3.01 -22.63
CA SER B 87 41.23 -2.23 -23.85
C SER B 87 40.14 -2.64 -24.84
N PHE B 88 39.70 -1.68 -25.65
CA PHE B 88 38.74 -1.97 -26.70
C PHE B 88 39.34 -2.90 -27.75
N LYS B 89 40.66 -2.87 -27.92
CA LYS B 89 41.32 -3.75 -28.88
C LYS B 89 41.30 -5.20 -28.46
N GLN B 90 40.93 -5.49 -27.21
CA GLN B 90 40.84 -6.87 -26.73
C GLN B 90 39.41 -7.34 -26.50
N PHE B 91 38.45 -6.42 -26.36
CA PHE B 91 37.07 -6.76 -26.08
C PHE B 91 36.16 -5.95 -26.99
N PRO B 92 35.35 -6.59 -27.83
CA PRO B 92 34.36 -5.82 -28.61
C PRO B 92 33.38 -5.10 -27.69
N ARG B 93 33.08 -3.85 -28.04
CA ARG B 93 32.26 -3.01 -27.18
C ARG B 93 30.82 -3.50 -27.15
N TYR B 94 30.23 -3.76 -28.33
CA TYR B 94 28.85 -4.19 -28.39
C TYR B 94 28.63 -5.50 -27.64
N VAL B 95 29.66 -6.35 -27.56
CA VAL B 95 29.54 -7.56 -26.77
C VAL B 95 29.55 -7.23 -25.28
N THR B 96 30.45 -6.34 -24.86
CA THR B 96 30.50 -5.95 -23.47
C THR B 96 29.26 -5.15 -23.08
N GLY B 97 28.77 -4.30 -23.98
CA GLY B 97 27.55 -3.57 -23.69
C GLY B 97 26.37 -4.47 -23.41
N ALA B 98 26.27 -5.57 -24.16
CA ALA B 98 25.18 -6.53 -23.91
C ALA B 98 25.38 -7.24 -22.58
N CYS B 99 26.63 -7.55 -22.23
CA CYS B 99 26.90 -8.22 -20.96
C CYS B 99 26.68 -7.27 -19.79
N CYS B 100 26.95 -5.99 -19.97
CA CYS B 100 26.66 -5.02 -18.90
C CYS B 100 25.16 -4.85 -18.69
N LEU B 101 24.40 -4.75 -19.79
CA LEU B 101 22.95 -4.66 -19.67
C LEU B 101 22.36 -5.94 -19.09
N PHE B 102 22.96 -7.09 -19.39
CA PHE B 102 22.47 -8.36 -18.85
C PHE B 102 22.70 -8.44 -17.34
N LEU B 103 23.82 -7.92 -16.87
CA LEU B 103 24.11 -7.94 -15.44
C LEU B 103 23.27 -6.91 -14.70
N ALA B 104 23.20 -5.68 -15.22
CA ALA B 104 22.41 -4.65 -14.56
C ALA B 104 20.96 -5.07 -14.40
N GLY B 105 20.42 -5.82 -15.36
CA GLY B 105 19.05 -6.29 -15.22
C GLY B 105 18.86 -7.19 -14.01
N LYS B 106 19.84 -8.04 -13.73
CA LYS B 106 19.76 -8.90 -12.56
C LYS B 106 20.12 -8.16 -11.28
N VAL B 107 20.95 -7.12 -11.38
CA VAL B 107 21.32 -6.34 -10.19
C VAL B 107 20.18 -5.43 -9.76
N GLU B 108 19.47 -4.84 -10.72
CA GLU B 108 18.40 -3.90 -10.44
C GLU B 108 17.03 -4.55 -10.40
N GLU B 109 16.97 -5.87 -10.24
CA GLU B 109 15.71 -6.60 -10.02
C GLU B 109 14.75 -6.46 -11.20
N THR B 110 15.28 -6.28 -12.40
CA THR B 110 14.48 -6.26 -13.63
C THR B 110 15.17 -7.13 -14.69
N PRO B 111 15.28 -8.43 -14.44
CA PRO B 111 16.10 -9.28 -15.31
C PRO B 111 15.44 -9.54 -16.64
N LYS B 112 16.25 -9.50 -17.70
CA LYS B 112 15.82 -9.83 -19.05
C LYS B 112 16.59 -11.06 -19.52
N LYS B 113 15.87 -12.01 -20.12
CA LYS B 113 16.50 -13.24 -20.57
C LYS B 113 17.64 -12.95 -21.55
N CYS B 114 18.67 -13.79 -21.50
CA CYS B 114 19.81 -13.61 -22.39
C CYS B 114 19.41 -13.76 -23.85
N LYS B 115 18.38 -14.57 -24.12
CA LYS B 115 17.90 -14.73 -25.50
C LYS B 115 17.24 -13.46 -26.01
N ASP B 116 16.55 -12.73 -25.13
CA ASP B 116 15.88 -11.50 -25.56
C ASP B 116 16.88 -10.38 -25.82
N ILE B 117 17.98 -10.33 -25.06
CA ILE B 117 18.99 -9.30 -25.28
C ILE B 117 19.67 -9.49 -26.63
N ILE B 118 19.84 -10.74 -27.06
CA ILE B 118 20.45 -10.99 -28.36
C ILE B 118 19.48 -10.71 -29.49
N LYS B 119 18.25 -11.20 -29.38
CA LYS B 119 17.25 -10.96 -30.42
C LYS B 119 17.02 -9.47 -30.63
N THR B 120 17.19 -8.66 -29.58
CA THR B 120 17.08 -7.22 -29.73
C THR B 120 18.37 -6.60 -30.24
N ALA B 121 19.52 -7.24 -29.97
CA ALA B 121 20.79 -6.68 -30.42
C ALA B 121 20.97 -6.84 -31.92
N ARG B 122 20.49 -7.96 -32.48
CA ARG B 122 20.63 -8.17 -33.92
C ARG B 122 19.69 -7.27 -34.70
N SER B 123 18.58 -6.84 -34.10
CA SER B 123 17.65 -5.93 -34.76
C SER B 123 18.08 -4.48 -34.67
N LEU B 124 19.23 -4.20 -34.05
CA LEU B 124 19.77 -2.84 -33.96
C LEU B 124 21.16 -2.70 -34.56
N LEU B 125 21.93 -3.78 -34.66
CA LEU B 125 23.27 -3.75 -35.21
C LEU B 125 23.28 -4.36 -36.60
N ASN B 126 24.09 -3.79 -37.49
CA ASN B 126 24.22 -4.32 -38.84
C ASN B 126 25.10 -5.57 -38.83
N ASP B 127 25.31 -6.13 -40.02
CA ASP B 127 26.08 -7.37 -40.13
C ASP B 127 27.50 -7.20 -39.60
N VAL B 128 28.11 -6.04 -39.86
CA VAL B 128 29.47 -5.81 -39.40
C VAL B 128 29.51 -5.69 -37.88
N GLN B 129 28.60 -4.89 -37.32
CA GLN B 129 28.59 -4.69 -35.87
C GLN B 129 28.22 -5.96 -35.14
N PHE B 130 27.17 -6.66 -35.59
CA PHE B 130 26.79 -7.90 -34.94
C PHE B 130 27.85 -8.98 -35.13
N GLY B 131 28.74 -8.83 -36.11
CA GLY B 131 29.85 -9.76 -36.26
C GLY B 131 30.73 -9.85 -35.04
N GLN B 132 30.64 -8.88 -34.13
CA GLN B 132 31.41 -8.93 -32.88
C GLN B 132 30.94 -10.05 -31.97
N PHE B 133 29.69 -10.50 -32.12
CA PHE B 133 29.17 -11.55 -31.25
C PHE B 133 29.58 -12.96 -31.69
N GLY B 134 29.96 -13.13 -32.96
CA GLY B 134 30.48 -14.40 -33.42
C GLY B 134 29.42 -15.42 -33.81
N ASP B 135 29.77 -16.71 -33.70
CA ASP B 135 28.84 -17.76 -34.09
C ASP B 135 27.76 -17.97 -33.04
N ASP B 136 28.15 -18.14 -31.78
CA ASP B 136 27.21 -18.31 -30.68
C ASP B 136 27.18 -17.04 -29.85
N PRO B 137 26.33 -16.07 -30.21
CA PRO B 137 26.33 -14.80 -29.47
C PRO B 137 26.04 -14.95 -27.99
N LYS B 138 25.11 -15.85 -27.62
CA LYS B 138 24.77 -16.02 -26.21
C LYS B 138 25.97 -16.55 -25.42
N GLU B 139 26.69 -17.54 -25.97
CA GLU B 139 27.83 -18.08 -25.26
C GLU B 139 28.94 -17.06 -25.11
N GLU B 140 29.07 -16.14 -26.07
CA GLU B 140 30.08 -15.09 -25.97
C GLU B 140 29.74 -14.06 -24.90
N VAL B 141 28.46 -13.94 -24.55
CA VAL B 141 28.06 -13.03 -23.48
C VAL B 141 28.12 -13.69 -22.12
N MET B 142 27.81 -14.99 -22.05
CA MET B 142 27.87 -15.70 -20.76
C MET B 142 29.29 -15.73 -20.23
N VAL B 143 30.26 -16.00 -21.10
CA VAL B 143 31.65 -16.09 -20.65
C VAL B 143 32.15 -14.73 -20.16
N LEU B 144 31.78 -13.66 -20.87
CA LEU B 144 32.21 -12.32 -20.47
C LEU B 144 31.61 -11.87 -19.15
N GLU B 145 30.60 -12.58 -18.64
CA GLU B 145 30.05 -12.25 -17.33
C GLU B 145 31.05 -12.51 -16.21
N ARG B 146 31.93 -13.48 -16.42
CA ARG B 146 32.92 -13.84 -15.39
C ARG B 146 33.90 -12.69 -15.23
N ILE B 147 34.46 -12.21 -16.34
CA ILE B 147 35.46 -11.15 -16.27
C ILE B 147 34.83 -9.82 -15.89
N LEU B 148 33.58 -9.60 -16.28
CA LEU B 148 32.90 -8.36 -15.92
C LEU B 148 32.70 -8.27 -14.42
N LEU B 149 32.29 -9.36 -13.78
CA LEU B 149 32.11 -9.36 -12.33
C LEU B 149 33.44 -9.18 -11.61
N GLN B 150 34.53 -9.71 -12.18
CA GLN B 150 35.85 -9.53 -11.58
C GLN B 150 36.39 -8.13 -11.81
N THR B 151 36.09 -7.53 -12.96
CA THR B 151 36.58 -6.20 -13.25
C THR B 151 35.94 -5.15 -12.34
N ILE B 152 34.66 -5.35 -11.97
CA ILE B 152 33.96 -4.41 -11.10
C ILE B 152 34.08 -4.80 -9.63
N LYS B 153 34.80 -5.87 -9.31
CA LYS B 153 35.10 -6.24 -7.93
C LYS B 153 33.83 -6.53 -7.13
N PHE B 154 32.82 -7.09 -7.81
CA PHE B 154 31.55 -7.42 -7.18
C PHE B 154 30.97 -6.24 -6.40
N ASP B 155 31.05 -5.06 -7.01
CA ASP B 155 30.47 -3.84 -6.46
C ASP B 155 29.25 -3.52 -7.32
N LEU B 156 28.12 -4.15 -6.98
CA LEU B 156 26.97 -4.11 -7.86
C LEU B 156 26.10 -2.89 -7.62
N GLN B 157 25.96 -2.45 -6.37
CA GLN B 157 25.09 -1.33 -6.05
C GLN B 157 25.66 -0.04 -6.62
N VAL B 158 24.83 0.70 -7.36
CA VAL B 158 25.24 1.94 -7.99
C VAL B 158 24.10 2.94 -7.91
N GLU B 159 24.41 4.15 -7.49
CA GLU B 159 23.46 5.27 -7.52
C GLU B 159 23.65 6.08 -8.79
N HIS B 160 22.60 6.79 -9.18
CA HIS B 160 22.58 7.53 -10.42
C HIS B 160 22.05 8.93 -10.21
N PRO B 161 22.40 9.87 -11.10
CA PRO B 161 21.98 11.27 -10.90
C PRO B 161 20.49 11.51 -11.03
N TYR B 162 19.73 10.55 -11.58
CA TYR B 162 18.30 10.76 -11.77
C TYR B 162 17.59 10.94 -10.44
N GLN B 163 17.85 10.03 -9.48
CA GLN B 163 17.18 10.09 -8.19
C GLN B 163 17.50 11.41 -7.48
N PHE B 164 18.71 11.91 -7.63
CA PHE B 164 19.07 13.19 -7.01
C PHE B 164 18.47 14.37 -7.76
N LEU B 165 18.34 14.27 -9.09
CA LEU B 165 17.69 15.33 -9.85
C LEU B 165 16.25 15.53 -9.37
N LEU B 166 15.58 14.45 -9.00
CA LEU B 166 14.19 14.57 -8.55
C LEU B 166 14.12 15.18 -7.16
N LYS B 167 14.88 14.62 -6.21
CA LYS B 167 14.81 15.10 -4.83
C LYS B 167 15.25 16.55 -4.72
N TYR B 168 16.34 16.93 -5.39
CA TYR B 168 16.80 18.31 -5.34
C TYR B 168 15.76 19.26 -5.92
N ALA B 169 15.15 18.88 -7.04
CA ALA B 169 14.16 19.75 -7.67
C ALA B 169 12.82 19.74 -6.94
N LYS B 170 12.58 18.76 -6.08
CA LYS B 170 11.31 18.70 -5.37
C LYS B 170 11.24 19.72 -4.25
N GLN B 171 12.39 20.09 -3.68
CA GLN B 171 12.44 21.09 -2.61
C GLN B 171 12.42 22.51 -3.12
N LEU B 172 12.12 22.71 -4.41
CA LEU B 172 12.05 24.04 -5.01
C LEU B 172 10.62 24.52 -5.02
N LYS B 173 10.39 25.72 -4.49
CA LYS B 173 9.08 26.34 -4.43
C LYS B 173 9.06 27.56 -5.34
N GLY B 174 8.11 27.59 -6.26
CA GLY B 174 7.99 28.72 -7.17
C GLY B 174 7.15 28.36 -8.38
N ASP B 175 7.46 29.00 -9.50
CA ASP B 175 6.71 28.79 -10.73
C ASP B 175 6.69 27.32 -11.10
N LYS B 176 5.49 26.75 -11.18
CA LYS B 176 5.35 25.32 -11.46
C LYS B 176 5.90 24.97 -12.84
N ASN B 177 5.52 25.76 -13.86
CA ASN B 177 5.94 25.45 -15.22
C ASN B 177 7.44 25.64 -15.39
N LYS B 178 8.01 26.67 -14.78
CA LYS B 178 9.45 26.92 -14.91
C LYS B 178 10.25 25.78 -14.30
N ILE B 179 9.91 25.37 -13.07
CA ILE B 179 10.64 24.30 -12.41
C ILE B 179 10.52 23.01 -13.21
N GLN B 180 9.33 22.71 -13.72
CA GLN B 180 9.15 21.48 -14.48
C GLN B 180 10.00 21.49 -15.75
N LYS B 181 10.06 22.63 -16.44
CA LYS B 181 10.91 22.74 -17.62
C LYS B 181 12.38 22.57 -17.25
N LEU B 182 12.78 23.07 -16.09
CA LEU B 182 14.16 22.92 -15.65
C LEU B 182 14.51 21.45 -15.45
N VAL B 183 13.57 20.66 -14.94
CA VAL B 183 13.85 19.26 -14.63
C VAL B 183 13.99 18.44 -15.91
N GLN B 184 13.03 18.58 -16.82
CA GLN B 184 13.01 17.73 -18.00
C GLN B 184 14.21 18.00 -18.91
N MET B 185 14.65 19.26 -18.99
CA MET B 185 15.83 19.55 -19.80
C MET B 185 17.09 19.04 -19.13
N ALA B 186 17.18 19.18 -17.81
CA ALA B 186 18.29 18.57 -17.08
C ALA B 186 18.23 17.05 -17.15
N TRP B 187 17.03 16.48 -17.29
CA TRP B 187 16.89 15.04 -17.44
C TRP B 187 17.57 14.57 -18.71
N THR B 188 17.43 15.32 -19.81
CA THR B 188 18.11 14.96 -21.05
C THR B 188 19.62 15.11 -20.91
N PHE B 189 20.07 16.14 -20.20
CA PHE B 189 21.51 16.30 -19.99
C PHE B 189 22.10 15.12 -19.24
N VAL B 190 21.34 14.50 -18.35
CA VAL B 190 21.83 13.30 -17.67
C VAL B 190 21.85 12.12 -18.63
N ASN B 191 20.88 12.05 -19.54
CA ASN B 191 20.92 11.02 -20.58
C ASN B 191 22.16 11.16 -21.45
N ASP B 192 22.66 12.38 -21.55
CA ASP B 192 23.85 12.63 -22.40
C ASP B 192 25.12 12.42 -21.59
N SER B 193 25.11 12.82 -20.32
CA SER B 193 26.30 12.64 -19.49
C SER B 193 26.71 11.18 -19.40
N LEU B 194 25.78 10.25 -19.63
CA LEU B 194 26.14 8.84 -19.66
C LEU B 194 26.95 8.48 -20.90
N CYS B 195 26.93 9.32 -21.93
CA CYS B 195 27.75 9.11 -23.12
C CYS B 195 29.20 9.51 -22.91
N THR B 196 29.51 10.24 -21.84
CA THR B 196 30.86 10.66 -21.50
C THR B 196 31.35 9.87 -20.29
N THR B 197 32.57 10.19 -19.85
CA THR B 197 33.17 9.58 -18.68
C THR B 197 32.92 10.39 -17.41
N LEU B 198 31.89 11.25 -17.40
CA LEU B 198 31.61 12.04 -16.20
C LEU B 198 31.34 11.14 -14.99
N SER B 199 30.60 10.04 -15.20
CA SER B 199 30.37 9.10 -14.11
C SER B 199 31.68 8.59 -13.53
N LEU B 200 32.71 8.46 -14.36
CA LEU B 200 34.03 8.08 -13.90
C LEU B 200 34.79 9.23 -13.24
N GLN B 201 34.23 10.42 -13.23
CA GLN B 201 34.90 11.62 -12.71
C GLN B 201 34.31 12.13 -11.41
N TRP B 202 32.99 12.27 -11.34
CA TRP B 202 32.34 12.90 -10.19
C TRP B 202 31.21 12.01 -9.67
N GLU B 203 30.86 12.22 -8.41
CA GLU B 203 29.72 11.55 -7.83
C GLU B 203 28.45 11.96 -8.56
N PRO B 204 27.44 11.09 -8.62
CA PRO B 204 26.18 11.48 -9.29
C PRO B 204 25.53 12.70 -8.66
N GLU B 205 25.72 12.92 -7.36
CA GLU B 205 25.17 14.12 -6.73
C GLU B 205 25.67 15.39 -7.40
N ILE B 206 26.97 15.43 -7.73
CA ILE B 206 27.53 16.60 -8.39
C ILE B 206 27.05 16.70 -9.83
N ILE B 207 26.80 15.56 -10.47
CA ILE B 207 26.29 15.59 -11.84
C ILE B 207 24.87 16.13 -11.87
N ALA B 208 24.03 15.71 -10.93
CA ALA B 208 22.66 16.21 -10.88
C ALA B 208 22.64 17.71 -10.61
N VAL B 209 23.52 18.19 -9.75
CA VAL B 209 23.61 19.62 -9.49
C VAL B 209 24.11 20.35 -10.73
N ALA B 210 25.08 19.77 -11.44
CA ALA B 210 25.66 20.44 -12.59
C ALA B 210 24.66 20.61 -13.71
N VAL B 211 23.88 19.56 -14.02
CA VAL B 211 22.91 19.65 -15.10
C VAL B 211 21.84 20.68 -14.79
N MET B 212 21.54 20.89 -13.51
CA MET B 212 20.60 21.95 -13.13
C MET B 212 21.22 23.33 -13.34
N TYR B 213 22.49 23.50 -12.96
CA TYR B 213 23.17 24.76 -13.20
C TYR B 213 23.25 25.06 -14.69
N LEU B 214 23.48 24.03 -15.51
CA LEU B 214 23.51 24.22 -16.96
C LEU B 214 22.13 24.56 -17.50
N ALA B 215 21.11 23.83 -17.06
CA ALA B 215 19.75 24.11 -17.51
C ALA B 215 19.30 25.50 -17.07
N GLY B 216 19.71 25.92 -15.88
CA GLY B 216 19.34 27.25 -15.41
C GLY B 216 19.91 28.36 -16.26
N ARG B 217 21.10 28.16 -16.83
CA ARG B 217 21.72 29.17 -17.68
C ARG B 217 21.04 29.23 -19.03
N LEU B 218 20.83 28.08 -19.67
CA LEU B 218 20.21 28.06 -20.99
C LEU B 218 18.77 28.57 -20.93
N CYS B 219 18.07 28.34 -19.82
CA CYS B 219 16.70 28.81 -19.67
C CYS B 219 16.62 30.19 -19.03
N LYS B 220 17.75 30.75 -18.57
CA LYS B 220 17.77 32.08 -17.97
C LYS B 220 16.94 32.13 -16.70
N PHE B 221 17.00 31.05 -15.92
CA PHE B 221 16.23 30.93 -14.69
C PHE B 221 17.09 31.26 -13.48
N GLU B 222 16.50 31.97 -12.52
CA GLU B 222 17.16 32.29 -11.25
C GLU B 222 16.81 31.20 -10.25
N ILE B 223 17.63 30.16 -10.20
CA ILE B 223 17.31 29.01 -9.33
C ILE B 223 17.32 29.42 -7.87
N GLN B 224 18.17 30.38 -7.48
CA GLN B 224 18.19 30.83 -6.10
C GLN B 224 16.89 31.53 -5.71
N GLU B 225 16.15 32.07 -6.67
CA GLU B 225 14.88 32.72 -6.40
C GLU B 225 13.79 31.73 -6.04
N TRP B 226 14.06 30.43 -6.09
CA TRP B 226 13.08 29.40 -5.78
C TRP B 226 13.42 28.61 -4.53
N THR B 227 14.41 29.05 -3.76
CA THR B 227 14.88 28.33 -2.59
C THR B 227 14.53 29.09 -1.32
N SER B 228 15.25 28.80 -0.23
CA SER B 228 15.07 29.50 1.03
C SER B 228 15.98 30.71 1.18
N LYS B 229 17.07 30.78 0.41
CA LYS B 229 18.01 31.89 0.44
C LYS B 229 18.01 32.56 -0.93
N PRO B 230 16.98 33.37 -1.23
CA PRO B 230 16.96 34.07 -2.52
C PRO B 230 18.12 35.05 -2.69
N MET B 231 18.72 35.51 -1.59
CA MET B 231 19.87 36.41 -1.69
C MET B 231 21.18 35.68 -1.87
N TYR B 232 21.23 34.40 -1.52
CA TYR B 232 22.45 33.60 -1.67
C TYR B 232 22.54 33.07 -3.10
N ARG B 233 23.56 33.50 -3.83
CA ARG B 233 23.65 33.15 -5.25
C ARG B 233 23.93 31.67 -5.45
N ARG B 234 24.85 31.10 -4.67
CA ARG B 234 25.22 29.69 -4.79
C ARG B 234 24.10 28.84 -4.19
N TRP B 235 23.02 28.71 -4.95
CA TRP B 235 21.84 27.99 -4.48
C TRP B 235 22.13 26.51 -4.24
N TRP B 236 23.16 25.95 -4.89
CA TRP B 236 23.41 24.51 -4.80
C TRP B 236 24.04 24.10 -3.48
N GLU B 237 24.73 25.01 -2.79
CA GLU B 237 25.40 24.64 -1.55
C GLU B 237 24.44 24.16 -0.46
N GLN B 238 23.13 24.19 -0.70
CA GLN B 238 22.18 23.57 0.21
C GLN B 238 21.79 22.16 -0.20
N PHE B 239 22.27 21.69 -1.35
CA PHE B 239 22.06 20.33 -1.83
C PHE B 239 23.30 19.48 -1.68
N VAL B 240 24.42 19.92 -2.23
CA VAL B 240 25.71 19.25 -2.09
C VAL B 240 26.67 20.21 -1.40
N GLN B 241 27.82 19.67 -0.99
CA GLN B 241 28.75 20.39 -0.13
C GLN B 241 30.13 20.50 -0.78
N ASP B 242 30.71 21.69 -0.72
CA ASP B 242 32.09 21.93 -1.14
C ASP B 242 32.28 21.60 -2.62
N VAL B 243 31.49 22.27 -3.46
CA VAL B 243 31.61 22.12 -4.91
C VAL B 243 31.70 23.51 -5.53
N PRO B 244 32.90 24.02 -5.80
CA PRO B 244 33.02 25.36 -6.39
C PRO B 244 32.37 25.42 -7.76
N VAL B 245 32.09 26.65 -8.20
CA VAL B 245 31.41 26.84 -9.48
C VAL B 245 32.28 26.36 -10.63
N ASP B 246 33.60 26.37 -10.45
CA ASP B 246 34.49 25.93 -11.53
C ASP B 246 34.27 24.46 -11.85
N VAL B 247 34.01 23.64 -10.83
CA VAL B 247 33.72 22.23 -11.08
C VAL B 247 32.45 22.08 -11.89
N LEU B 248 31.44 22.91 -11.60
CA LEU B 248 30.21 22.87 -12.39
C LEU B 248 30.47 23.29 -13.83
N GLU B 249 31.32 24.31 -14.02
CA GLU B 249 31.64 24.76 -15.37
C GLU B 249 32.34 23.65 -16.17
N ASP B 250 33.12 22.81 -15.50
CA ASP B 250 33.78 21.71 -16.20
C ASP B 250 32.76 20.69 -16.70
N ILE B 251 31.82 20.30 -15.85
CA ILE B 251 30.82 19.32 -16.25
C ILE B 251 29.94 19.88 -17.37
N CYS B 252 29.62 21.17 -17.29
CA CYS B 252 28.80 21.79 -18.34
C CYS B 252 29.54 21.82 -19.67
N HIS B 253 30.84 22.09 -19.65
CA HIS B 253 31.61 22.14 -20.89
C HIS B 253 31.66 20.77 -21.55
N GLN B 254 31.86 19.71 -20.76
CA GLN B 254 31.92 18.37 -21.35
C GLN B 254 30.57 17.94 -21.90
N ILE B 255 29.47 18.37 -21.27
CA ILE B 255 28.14 18.00 -21.77
C ILE B 255 27.82 18.75 -23.05
N LEU B 256 28.18 20.04 -23.11
CA LEU B 256 27.94 20.81 -24.32
C LEU B 256 28.81 20.36 -25.48
N ASP B 257 29.93 19.69 -25.20
CA ASP B 257 30.78 19.19 -26.28
C ASP B 257 30.08 18.11 -27.08
N LEU B 258 29.20 17.33 -26.45
CA LEU B 258 28.39 16.37 -27.20
C LEU B 258 27.48 17.08 -28.20
N TYR B 259 27.15 18.33 -27.88
CA TYR B 259 26.22 19.10 -28.74
C TYR B 259 27.00 19.83 -29.83
N SER B 260 28.33 19.82 -29.73
CA SER B 260 29.14 20.41 -30.79
C SER B 260 29.09 19.52 -32.03
N GLN B 261 29.49 20.11 -33.15
CA GLN B 261 29.47 19.40 -34.43
C GLN B 261 28.06 18.91 -34.78
N GLY B 262 27.05 19.59 -34.25
CA GLY B 262 25.67 19.24 -34.52
C GLY B 262 25.34 17.79 -34.23
N LYS B 263 26.05 17.19 -33.28
CA LYS B 263 25.82 15.78 -32.96
C LYS B 263 24.43 15.55 -32.38
N GLN B 264 23.85 16.55 -31.74
CA GLN B 264 22.51 16.44 -31.18
C GLN B 264 21.85 17.81 -31.18
N GLN B 265 20.54 17.81 -30.95
CA GLN B 265 19.75 19.02 -30.82
C GLN B 265 19.55 19.34 -29.34
N MET B 266 19.72 20.61 -28.99
CA MET B 266 19.60 21.03 -27.59
C MET B 266 18.23 20.67 -27.03
N SER C 5 -38.14 13.99 8.09
CA SER C 5 -36.99 13.09 8.13
C SER C 5 -37.42 11.64 8.05
N ASP C 6 -38.72 11.42 7.87
CA ASP C 6 -39.30 10.09 7.78
C ASP C 6 -39.42 9.70 6.31
N TRP C 7 -38.70 8.65 5.91
CA TRP C 7 -38.66 8.21 4.52
C TRP C 7 -39.20 6.80 4.39
N GLY C 8 -39.70 6.49 3.20
CA GLY C 8 -40.18 5.16 2.88
C GLY C 8 -41.65 4.92 3.12
N LYS C 9 -42.35 5.84 3.78
CA LYS C 9 -43.76 5.66 4.10
C LYS C 9 -44.70 6.29 3.08
N ARG C 10 -44.37 7.47 2.56
CA ARG C 10 -45.22 8.12 1.59
C ARG C 10 -45.28 7.30 0.30
N CYS C 11 -46.36 7.49 -0.46
CA CYS C 11 -46.61 6.74 -1.67
C CYS C 11 -46.29 7.57 -2.91
N VAL C 12 -46.17 6.87 -4.04
CA VAL C 12 -45.86 7.54 -5.30
C VAL C 12 -47.04 8.33 -5.83
N ASP C 13 -48.26 8.05 -5.35
CA ASP C 13 -49.43 8.78 -5.82
C ASP C 13 -49.37 10.26 -5.43
N LYS C 14 -48.54 10.61 -4.45
CA LYS C 14 -48.38 12.01 -4.06
C LYS C 14 -47.68 12.84 -5.12
N PHE C 15 -47.24 12.23 -6.22
CA PHE C 15 -46.54 12.93 -7.28
C PHE C 15 -47.27 12.72 -8.60
N ASP C 16 -47.58 13.81 -9.28
CA ASP C 16 -48.22 13.75 -10.59
C ASP C 16 -47.15 13.46 -11.63
N ILE C 17 -47.06 12.20 -12.06
CA ILE C 17 -46.03 11.80 -13.02
C ILE C 17 -46.29 12.47 -14.36
N ILE C 18 -45.35 13.30 -14.79
CA ILE C 18 -45.51 14.04 -16.04
C ILE C 18 -45.09 13.18 -17.22
N GLY C 19 -43.92 12.56 -17.13
CA GLY C 19 -43.43 11.73 -18.21
C GLY C 19 -41.99 11.31 -17.96
N ILE C 20 -41.55 10.35 -18.77
CA ILE C 20 -40.19 9.85 -18.66
C ILE C 20 -39.21 10.91 -19.15
N ILE C 21 -38.00 10.89 -18.60
CA ILE C 21 -36.98 11.87 -18.95
C ILE C 21 -35.68 11.17 -19.31
N GLY C 22 -35.46 9.99 -18.75
CA GLY C 22 -34.23 9.26 -19.02
C GLY C 22 -34.35 7.82 -18.56
N GLU C 23 -33.24 7.10 -18.69
CA GLU C 23 -33.15 5.70 -18.29
C GLU C 23 -32.00 5.55 -17.30
N GLY C 24 -32.33 5.14 -16.07
CA GLY C 24 -31.36 5.02 -15.02
C GLY C 24 -30.78 3.62 -14.91
N THR C 25 -30.00 3.42 -13.84
CA THR C 25 -29.33 2.13 -13.64
C THR C 25 -30.34 1.05 -13.23
N TYR C 26 -31.20 1.35 -12.28
CA TYR C 26 -32.13 0.37 -11.73
C TYR C 26 -33.56 0.52 -12.23
N GLY C 27 -33.83 1.50 -13.08
CA GLY C 27 -35.16 1.68 -13.60
C GLY C 27 -35.33 3.02 -14.27
N GLN C 28 -36.48 3.17 -14.92
CA GLN C 28 -36.77 4.42 -15.62
C GLN C 28 -36.86 5.58 -14.64
N VAL C 29 -36.47 6.76 -15.13
CA VAL C 29 -36.50 7.99 -14.34
C VAL C 29 -37.64 8.86 -14.87
N TYR C 30 -38.52 9.27 -13.96
CA TYR C 30 -39.71 10.03 -14.32
C TYR C 30 -39.64 11.45 -13.77
N LYS C 31 -40.26 12.37 -14.49
CA LYS C 31 -40.52 13.71 -14.00
C LYS C 31 -41.89 13.75 -13.34
N ALA C 32 -42.02 14.58 -12.31
CA ALA C 32 -43.27 14.64 -11.57
C ALA C 32 -43.35 16.00 -10.85
N LYS C 33 -44.54 16.28 -10.32
CA LYS C 33 -44.79 17.48 -9.54
C LYS C 33 -45.45 17.08 -8.24
N ASP C 34 -44.93 17.61 -7.12
CA ASP C 34 -45.48 17.30 -5.82
C ASP C 34 -46.85 17.96 -5.67
N LYS C 35 -47.87 17.14 -5.36
CA LYS C 35 -49.24 17.64 -5.33
C LYS C 35 -49.52 18.53 -4.12
N ASP C 36 -48.71 18.44 -3.07
CA ASP C 36 -48.97 19.23 -1.87
C ASP C 36 -48.39 20.64 -1.97
N THR C 37 -47.17 20.78 -2.47
CA THR C 37 -46.52 22.07 -2.55
C THR C 37 -46.22 22.52 -3.98
N GLY C 38 -46.54 21.70 -4.98
CA GLY C 38 -46.33 22.07 -6.36
C GLY C 38 -44.90 22.00 -6.85
N GLU C 39 -43.96 21.54 -6.02
CA GLU C 39 -42.57 21.45 -6.44
C GLU C 39 -42.42 20.43 -7.56
N LEU C 40 -41.56 20.75 -8.53
CA LEU C 40 -41.25 19.85 -9.63
C LEU C 40 -40.08 18.96 -9.23
N VAL C 41 -40.24 17.65 -9.39
CA VAL C 41 -39.29 16.67 -8.90
C VAL C 41 -38.94 15.68 -10.00
N ALA C 42 -37.97 14.83 -9.70
CA ALA C 42 -37.54 13.76 -10.60
C ALA C 42 -37.49 12.46 -9.81
N LEU C 43 -38.21 11.45 -10.29
CA LEU C 43 -38.33 10.16 -9.60
C LEU C 43 -37.45 9.13 -10.28
N LYS C 44 -36.53 8.54 -9.53
CA LYS C 44 -35.67 7.47 -10.02
C LYS C 44 -36.19 6.15 -9.46
N LYS C 45 -36.77 5.32 -10.33
CA LYS C 45 -37.38 4.07 -9.89
C LYS C 45 -36.31 3.01 -9.62
N VAL C 46 -36.49 2.29 -8.52
CA VAL C 46 -35.60 1.20 -8.12
C VAL C 46 -36.45 -0.06 -8.09
N ARG C 47 -36.36 -0.87 -9.13
CA ARG C 47 -37.15 -2.08 -9.23
C ARG C 47 -36.69 -3.11 -8.21
N LEU C 48 -37.60 -4.01 -7.85
CA LEU C 48 -37.33 -5.06 -6.86
C LEU C 48 -37.45 -6.42 -7.55
N ASP C 49 -36.30 -7.03 -7.83
CA ASP C 49 -36.25 -8.36 -8.42
C ASP C 49 -36.21 -9.38 -7.28
N ASN C 50 -37.36 -10.01 -7.02
CA ASN C 50 -37.43 -10.98 -5.92
C ASN C 50 -36.46 -12.14 -6.15
N GLU C 51 -36.46 -12.71 -7.34
CA GLU C 51 -35.65 -13.95 -7.56
C GLU C 51 -34.15 -13.67 -7.67
N LYS C 52 -33.76 -12.40 -7.73
CA LYS C 52 -32.33 -12.05 -7.92
C LYS C 52 -31.87 -11.00 -6.89
N GLU C 53 -31.22 -11.42 -5.80
CA GLU C 53 -30.63 -10.47 -4.81
C GLU C 53 -31.69 -9.69 -4.03
N GLY C 54 -32.50 -8.87 -4.70
CA GLY C 54 -33.49 -8.11 -3.98
C GLY C 54 -33.27 -6.62 -4.18
N PHE C 55 -33.20 -5.86 -3.10
CA PHE C 55 -32.87 -4.45 -3.23
C PHE C 55 -31.42 -4.36 -3.73
N PRO C 56 -31.18 -3.79 -4.91
CA PRO C 56 -29.83 -3.85 -5.49
C PRO C 56 -28.79 -3.22 -4.58
N ILE C 57 -27.69 -3.94 -4.37
CA ILE C 57 -26.61 -3.43 -3.54
C ILE C 57 -26.01 -2.17 -4.15
N THR C 58 -26.09 -2.04 -5.47
CA THR C 58 -25.63 -0.81 -6.11
C THR C 58 -26.49 0.38 -5.70
N ALA C 59 -27.81 0.17 -5.59
CA ALA C 59 -28.68 1.23 -5.12
C ALA C 59 -28.42 1.56 -3.65
N ILE C 60 -28.00 0.57 -2.87
CA ILE C 60 -27.73 0.81 -1.45
C ILE C 60 -26.55 1.75 -1.30
N ARG C 61 -25.52 1.59 -2.13
CA ARG C 61 -24.34 2.45 -2.03
C ARG C 61 -24.71 3.90 -2.30
N GLU C 62 -25.48 4.16 -3.35
CA GLU C 62 -25.82 5.54 -3.69
C GLU C 62 -26.63 6.21 -2.58
N ILE C 63 -27.51 5.45 -1.92
CA ILE C 63 -28.30 6.01 -0.84
C ILE C 63 -27.40 6.41 0.33
N LYS C 64 -26.52 5.50 0.75
CA LYS C 64 -25.62 5.80 1.86
C LYS C 64 -24.78 7.03 1.57
N ILE C 65 -24.34 7.20 0.33
CA ILE C 65 -23.54 8.36 -0.02
C ILE C 65 -24.41 9.61 -0.12
N LEU C 66 -25.57 9.50 -0.76
CA LEU C 66 -26.44 10.66 -0.91
C LEU C 66 -26.95 11.17 0.43
N ARG C 67 -27.10 10.29 1.42
CA ARG C 67 -27.58 10.71 2.73
C ARG C 67 -26.48 11.35 3.57
N GLN C 68 -25.29 11.54 3.03
CA GLN C 68 -24.23 12.26 3.71
C GLN C 68 -23.78 13.52 2.98
N LEU C 69 -24.14 13.69 1.71
CA LEU C 69 -23.73 14.83 0.91
C LEU C 69 -24.84 15.87 0.94
N ILE C 70 -24.69 16.88 1.79
CA ILE C 70 -25.67 17.94 1.95
C ILE C 70 -24.95 19.25 1.60
N HIS C 71 -25.02 19.63 0.34
CA HIS C 71 -24.33 20.82 -0.15
C HIS C 71 -25.20 21.51 -1.20
N ARG C 72 -25.06 22.84 -1.28
CA ARG C 72 -25.84 23.61 -2.24
C ARG C 72 -25.42 23.35 -3.69
N SER C 73 -24.31 22.65 -3.91
CA SER C 73 -23.86 22.30 -5.25
C SER C 73 -23.95 20.82 -5.56
N VAL C 74 -24.08 19.97 -4.54
CA VAL C 74 -24.27 18.54 -4.74
C VAL C 74 -25.76 18.26 -4.83
N VAL C 75 -26.12 17.27 -5.65
CA VAL C 75 -27.52 16.90 -5.79
C VAL C 75 -28.07 16.50 -4.42
N ASN C 76 -29.30 16.93 -4.13
CA ASN C 76 -29.90 16.78 -2.82
C ASN C 76 -31.11 15.85 -2.93
N MET C 77 -30.95 14.61 -2.45
CA MET C 77 -32.06 13.66 -2.43
C MET C 77 -33.08 14.09 -1.37
N LYS C 78 -34.32 14.34 -1.80
CA LYS C 78 -35.32 14.86 -0.89
C LYS C 78 -35.85 13.77 0.04
N GLU C 79 -36.32 12.65 -0.51
CA GLU C 79 -36.83 11.56 0.30
C GLU C 79 -36.92 10.31 -0.58
N ILE C 80 -37.49 9.24 -0.03
CA ILE C 80 -37.71 7.99 -0.75
C ILE C 80 -39.17 7.59 -0.56
N VAL C 81 -39.85 7.31 -1.67
CA VAL C 81 -41.25 6.91 -1.65
C VAL C 81 -41.35 5.48 -2.19
N THR C 82 -42.55 4.92 -2.11
CA THR C 82 -42.80 3.55 -2.51
C THR C 82 -44.12 3.47 -3.27
N ASP C 83 -44.44 2.26 -3.73
CA ASP C 83 -45.67 2.01 -4.48
C ASP C 83 -46.85 1.74 -3.53
N LYS C 84 -48.04 1.70 -4.11
CA LYS C 84 -49.25 1.45 -3.35
C LYS C 84 -49.38 -0.03 -2.97
N GLY C 95 -44.08 -4.28 -6.22
CA GLY C 95 -43.72 -3.03 -5.57
C GLY C 95 -42.36 -2.51 -5.99
N ALA C 96 -42.08 -1.25 -5.67
CA ALA C 96 -40.82 -0.63 -6.04
C ALA C 96 -40.64 0.64 -5.20
N PHE C 97 -39.42 1.16 -5.20
CA PHE C 97 -39.08 2.38 -4.51
C PHE C 97 -38.64 3.44 -5.52
N TYR C 98 -38.77 4.70 -5.11
CA TYR C 98 -38.44 5.83 -5.97
C TYR C 98 -37.67 6.87 -5.18
N LEU C 99 -36.54 7.31 -5.73
CA LEU C 99 -35.74 8.36 -5.12
C LEU C 99 -36.22 9.72 -5.60
N VAL C 100 -36.33 10.66 -4.68
CA VAL C 100 -36.86 12.00 -4.96
C VAL C 100 -35.69 12.97 -5.04
N PHE C 101 -35.61 13.71 -6.15
CA PHE C 101 -34.57 14.72 -6.34
C PHE C 101 -35.20 16.03 -6.79
N GLU C 102 -34.69 17.13 -6.26
CA GLU C 102 -35.08 18.46 -6.72
C GLU C 102 -34.84 18.57 -8.22
N TYR C 103 -35.91 18.69 -8.99
CA TYR C 103 -35.80 18.62 -10.45
C TYR C 103 -34.97 19.79 -10.98
N MET C 104 -34.10 19.48 -11.93
CA MET C 104 -33.28 20.46 -12.62
C MET C 104 -33.73 20.60 -14.07
N ASP C 105 -33.28 21.68 -14.71
CA ASP C 105 -33.72 22.01 -16.05
C ASP C 105 -32.80 21.46 -17.14
N HIS C 106 -31.49 21.71 -17.00
CA HIS C 106 -30.53 21.36 -18.04
C HIS C 106 -29.35 20.62 -17.45
N ASP C 107 -28.66 19.90 -18.31
CA ASP C 107 -27.35 19.32 -18.04
C ASP C 107 -26.31 20.02 -18.92
N LEU C 108 -25.09 19.49 -18.96
CA LEU C 108 -24.06 20.06 -19.81
C LEU C 108 -24.01 19.40 -21.19
N MET C 109 -24.04 18.06 -21.22
CA MET C 109 -23.94 17.35 -22.49
C MET C 109 -25.00 17.83 -23.48
N GLY C 110 -26.26 17.76 -23.07
CA GLY C 110 -27.35 18.13 -23.96
C GLY C 110 -27.48 19.62 -24.19
N LEU C 111 -26.95 20.43 -23.28
CA LEU C 111 -27.12 21.88 -23.41
C LEU C 111 -26.28 22.43 -24.56
N LEU C 112 -25.04 21.97 -24.70
CA LEU C 112 -24.18 22.42 -25.79
C LEU C 112 -24.25 21.53 -27.02
N GLU C 113 -24.80 20.31 -26.90
CA GLU C 113 -25.13 19.54 -28.08
C GLU C 113 -26.26 20.18 -28.87
N SER C 114 -27.02 21.07 -28.24
CA SER C 114 -28.06 21.81 -28.94
C SER C 114 -27.49 23.03 -29.66
N GLY C 115 -26.52 23.70 -29.05
CA GLY C 115 -25.85 24.83 -29.67
C GLY C 115 -26.51 26.18 -29.44
N LEU C 116 -27.71 26.21 -28.87
CA LEU C 116 -28.40 27.47 -28.66
C LEU C 116 -27.67 28.34 -27.65
N VAL C 117 -27.13 27.73 -26.59
CA VAL C 117 -26.50 28.46 -25.50
C VAL C 117 -25.03 28.71 -25.85
N HIS C 118 -24.55 29.90 -25.50
CA HIS C 118 -23.13 30.25 -25.65
C HIS C 118 -22.70 30.97 -24.39
N PHE C 119 -21.92 30.28 -23.55
CA PHE C 119 -21.49 30.84 -22.28
C PHE C 119 -20.59 32.05 -22.52
N SER C 120 -20.33 32.78 -21.43
CA SER C 120 -19.39 33.90 -21.47
C SER C 120 -18.24 33.64 -20.51
N GLU C 121 -17.53 34.69 -20.11
CA GLU C 121 -16.45 34.52 -19.15
C GLU C 121 -16.98 34.46 -17.71
N ASP C 122 -17.99 35.28 -17.40
CA ASP C 122 -18.54 35.29 -16.05
C ASP C 122 -19.46 34.10 -15.81
N HIS C 123 -20.12 33.59 -16.86
CA HIS C 123 -20.89 32.37 -16.71
C HIS C 123 -20.00 31.22 -16.26
N ILE C 124 -18.83 31.07 -16.88
CA ILE C 124 -17.92 30.00 -16.51
C ILE C 124 -17.31 30.26 -15.13
N LYS C 125 -16.96 31.52 -14.84
CA LYS C 125 -16.46 31.86 -13.51
C LYS C 125 -17.46 31.48 -12.43
N SER C 126 -18.76 31.55 -12.73
CA SER C 126 -19.77 31.19 -11.76
C SER C 126 -19.98 29.68 -11.70
N PHE C 127 -20.08 29.03 -12.86
CA PHE C 127 -20.34 27.60 -12.87
C PHE C 127 -19.14 26.81 -12.36
N MET C 128 -17.93 27.23 -12.72
CA MET C 128 -16.74 26.57 -12.21
C MET C 128 -16.62 26.74 -10.71
N LYS C 129 -16.92 27.94 -10.20
CA LYS C 129 -16.85 28.18 -8.77
C LYS C 129 -17.80 27.26 -8.01
N GLN C 130 -18.99 27.00 -8.58
CA GLN C 130 -19.93 26.09 -7.94
C GLN C 130 -19.43 24.66 -8.01
N LEU C 131 -18.90 24.25 -9.17
CA LEU C 131 -18.47 22.86 -9.33
C LEU C 131 -17.31 22.53 -8.41
N MET C 132 -16.35 23.45 -8.27
CA MET C 132 -15.19 23.19 -7.42
C MET C 132 -15.56 23.22 -5.95
N GLU C 133 -16.46 24.13 -5.55
CA GLU C 133 -16.89 24.16 -4.16
C GLU C 133 -17.62 22.88 -3.78
N GLY C 134 -18.44 22.35 -4.67
CA GLY C 134 -19.08 21.07 -4.40
C GLY C 134 -18.09 19.93 -4.38
N LEU C 135 -17.07 19.99 -5.25
CA LEU C 135 -16.02 18.97 -5.23
C LEU C 135 -15.19 19.06 -3.96
N GLU C 136 -14.77 20.28 -3.59
CA GLU C 136 -14.01 20.46 -2.36
C GLU C 136 -14.75 19.89 -1.16
N TYR C 137 -16.07 20.09 -1.11
CA TYR C 137 -16.86 19.55 -0.01
C TYR C 137 -16.87 18.03 -0.03
N CYS C 138 -16.94 17.44 -1.22
CA CYS C 138 -16.99 15.97 -1.31
C CYS C 138 -15.64 15.34 -0.95
N HIS C 139 -14.54 15.93 -1.43
CA HIS C 139 -13.23 15.35 -1.15
C HIS C 139 -12.84 15.50 0.31
N LYS C 140 -13.31 16.56 0.98
CA LYS C 140 -13.07 16.69 2.41
C LYS C 140 -13.80 15.60 3.19
N LYS C 141 -14.89 15.06 2.64
CA LYS C 141 -15.62 13.97 3.25
C LYS C 141 -15.05 12.60 2.88
N ASN C 142 -13.90 12.57 2.20
CA ASN C 142 -13.25 11.32 1.83
C ASN C 142 -14.10 10.53 0.82
N PHE C 143 -14.70 11.23 -0.13
CA PHE C 143 -15.53 10.62 -1.15
C PHE C 143 -14.93 10.88 -2.52
N LEU C 144 -15.00 9.87 -3.38
CA LEU C 144 -14.53 9.98 -4.76
C LEU C 144 -15.73 9.85 -5.69
N HIS C 145 -16.00 10.86 -6.52
CA HIS C 145 -17.13 10.76 -7.50
C HIS C 145 -16.96 9.58 -8.48
N ARG C 146 -15.92 9.62 -9.30
CA ARG C 146 -15.61 8.49 -10.23
C ARG C 146 -16.37 8.53 -11.56
N ASP C 147 -17.30 9.46 -11.77
CA ASP C 147 -17.97 9.59 -13.09
C ASP C 147 -18.35 11.03 -13.44
N ILE C 148 -17.46 11.97 -13.17
CA ILE C 148 -17.71 13.36 -13.52
C ILE C 148 -17.64 13.49 -15.03
N LYS C 149 -18.73 13.94 -15.64
CA LYS C 149 -18.78 14.18 -17.07
C LYS C 149 -19.86 15.23 -17.33
N CYS C 150 -20.13 15.49 -18.62
CA CYS C 150 -21.11 16.52 -18.96
C CYS C 150 -22.53 16.08 -18.63
N SER C 151 -22.87 14.84 -18.93
CA SER C 151 -24.23 14.34 -18.65
C SER C 151 -24.51 14.21 -17.17
N ASN C 152 -23.58 14.59 -16.29
CA ASN C 152 -23.79 14.51 -14.85
C ASN C 152 -23.61 15.85 -14.16
N ILE C 153 -23.44 16.94 -14.91
CA ILE C 153 -23.37 18.27 -14.34
C ILE C 153 -24.64 19.02 -14.71
N LEU C 154 -25.65 18.96 -13.84
CA LEU C 154 -26.96 19.54 -14.13
C LEU C 154 -26.99 21.01 -13.73
N LEU C 155 -27.90 21.74 -14.37
CA LEU C 155 -27.98 23.19 -14.22
C LEU C 155 -29.41 23.63 -14.51
N ASN C 156 -30.03 24.31 -13.55
CA ASN C 156 -31.38 24.79 -13.71
C ASN C 156 -31.39 26.17 -14.37
N ASN C 157 -32.59 26.71 -14.60
CA ASN C 157 -32.75 28.00 -15.25
C ASN C 157 -32.42 29.18 -14.34
N SER C 158 -31.92 28.94 -13.13
CA SER C 158 -31.52 30.00 -12.21
C SER C 158 -30.02 30.19 -12.15
N GLY C 159 -29.25 29.38 -12.88
CA GLY C 159 -27.80 29.44 -12.85
C GLY C 159 -27.16 28.58 -11.79
N GLN C 160 -27.93 27.83 -11.02
CA GLN C 160 -27.38 26.98 -9.97
C GLN C 160 -26.85 25.68 -10.56
N ILE C 161 -25.59 25.38 -10.29
CA ILE C 161 -24.94 24.17 -10.78
C ILE C 161 -25.05 23.07 -9.73
N LYS C 162 -25.21 21.84 -10.19
CA LYS C 162 -25.27 20.70 -9.29
C LYS C 162 -24.68 19.47 -9.97
N LEU C 163 -23.98 18.65 -9.20
CA LEU C 163 -23.36 17.42 -9.66
C LEU C 163 -24.19 16.23 -9.24
N ALA C 164 -24.33 15.24 -10.13
CA ALA C 164 -25.25 14.14 -9.90
C ALA C 164 -24.62 12.84 -10.40
N ASP C 165 -25.45 11.80 -10.49
CA ASP C 165 -25.04 10.46 -10.92
C ASP C 165 -23.88 9.94 -10.06
N PHE C 166 -24.20 9.72 -8.78
CA PHE C 166 -23.27 9.18 -7.81
C PHE C 166 -23.29 7.66 -7.76
N GLY C 167 -23.75 6.99 -8.83
CA GLY C 167 -23.78 5.54 -8.84
C GLY C 167 -22.42 4.89 -8.80
N LEU C 168 -21.38 5.60 -9.20
CA LEU C 168 -20.02 5.07 -9.22
C LEU C 168 -19.14 5.67 -8.12
N ALA C 169 -19.73 6.34 -7.14
CA ALA C 169 -18.94 6.90 -6.05
C ALA C 169 -18.57 5.78 -5.09
N ARG C 170 -17.70 6.15 -4.14
CA ARG C 170 -17.22 5.18 -3.11
C ARG C 170 -16.33 5.94 -2.14
N LEU C 171 -16.11 5.41 -0.94
CA LEU C 171 -15.22 6.02 0.04
C LEU C 171 -13.73 5.89 -0.24
N TYR C 172 -12.97 6.89 0.20
CA TYR C 172 -11.54 6.96 -0.02
C TYR C 172 -10.82 7.00 1.32
N ASN C 173 -9.83 6.13 1.48
CA ASN C 173 -9.05 6.04 2.71
C ASN C 173 -7.74 6.79 2.53
N SER C 174 -7.43 7.68 3.47
CA SER C 174 -6.24 8.51 3.42
C SER C 174 -5.14 7.90 4.27
N GLU C 175 -3.95 7.77 3.70
CA GLU C 175 -2.77 7.26 4.41
C GLU C 175 -2.86 5.75 4.62
N GLU C 176 -4.06 5.19 4.54
CA GLU C 176 -4.28 3.75 4.60
C GLU C 176 -4.82 3.28 3.24
N SER C 177 -3.97 3.41 2.22
CA SER C 177 -4.42 3.20 0.85
C SER C 177 -4.96 1.79 0.66
N ARG C 178 -5.83 1.65 -0.34
CA ARG C 178 -6.43 0.38 -0.72
C ARG C 178 -6.57 0.35 -2.23
N PRO C 179 -6.73 -0.84 -2.81
CA PRO C 179 -6.86 -0.93 -4.27
C PRO C 179 -8.29 -0.78 -4.74
N TYR C 180 -8.62 0.37 -5.32
CA TYR C 180 -9.98 0.65 -5.78
C TYR C 180 -10.23 0.03 -7.16
N TPO C 181 -11.45 0.24 -7.67
CA TPO C 181 -11.83 -0.31 -9.00
CB TPO C 181 -13.36 -0.35 -9.18
CG2 TPO C 181 -13.77 -1.00 -10.48
OG1 TPO C 181 -13.92 -1.16 -8.10
P TPO C 181 -14.85 -0.48 -6.99
O1P TPO C 181 -15.85 0.35 -7.77
O2P TPO C 181 -15.49 -1.63 -6.24
O3P TPO C 181 -13.95 0.36 -6.12
C TPO C 181 -11.08 0.45 -10.09
O TPO C 181 -11.07 1.67 -10.06
N ASN C 182 -10.53 -0.26 -11.06
CA ASN C 182 -9.69 0.31 -12.11
C ASN C 182 -10.45 1.21 -13.08
N LYS C 183 -11.34 0.62 -13.87
CA LYS C 183 -12.08 1.35 -14.89
C LYS C 183 -13.38 1.87 -14.29
N VAL C 184 -13.46 3.19 -14.09
CA VAL C 184 -14.60 3.79 -13.42
C VAL C 184 -15.17 5.00 -14.14
N ILE C 185 -14.41 5.72 -14.96
CA ILE C 185 -14.88 6.95 -15.59
C ILE C 185 -15.03 6.72 -17.09
N THR C 186 -15.95 7.47 -17.70
CA THR C 186 -16.09 7.43 -19.14
C THR C 186 -14.78 7.81 -19.81
N LEU C 187 -14.50 7.17 -20.95
CA LEU C 187 -13.16 7.27 -21.54
C LEU C 187 -12.83 8.70 -21.97
N TRP C 188 -13.84 9.50 -22.32
CA TRP C 188 -13.58 10.86 -22.77
C TRP C 188 -13.08 11.77 -21.64
N TYR C 189 -13.14 11.31 -20.39
CA TYR C 189 -12.65 12.09 -19.26
C TYR C 189 -11.70 11.31 -18.37
N ARG C 190 -11.37 10.06 -18.72
CA ARG C 190 -10.54 9.23 -17.86
C ARG C 190 -9.14 9.81 -17.77
N PRO C 191 -8.56 9.93 -16.59
CA PRO C 191 -7.22 10.49 -16.46
C PRO C 191 -6.17 9.54 -16.99
N PRO C 192 -4.92 10.00 -17.14
CA PRO C 192 -3.89 9.11 -17.69
C PRO C 192 -3.55 7.94 -16.79
N GLU C 193 -3.53 8.15 -15.48
CA GLU C 193 -3.15 7.06 -14.58
C GLU C 193 -4.14 5.91 -14.64
N LEU C 194 -5.43 6.21 -14.79
CA LEU C 194 -6.42 5.15 -14.95
C LEU C 194 -6.23 4.41 -16.27
N LEU C 195 -5.77 5.10 -17.31
CA LEU C 195 -5.51 4.44 -18.58
C LEU C 195 -4.35 3.45 -18.47
N LEU C 196 -3.31 3.82 -17.73
CA LEU C 196 -2.16 2.95 -17.54
C LEU C 196 -2.40 1.83 -16.54
N GLY C 197 -3.62 1.68 -16.03
CA GLY C 197 -3.94 0.57 -15.16
C GLY C 197 -3.77 0.82 -13.68
N GLU C 198 -3.68 2.07 -13.25
CA GLU C 198 -3.54 2.37 -11.83
C GLU C 198 -4.81 1.98 -11.07
N GLU C 199 -4.62 1.34 -9.90
CA GLU C 199 -5.73 0.99 -9.04
C GLU C 199 -5.67 1.67 -7.68
N ARG C 200 -4.54 2.27 -7.31
CA ARG C 200 -4.42 3.03 -6.07
C ARG C 200 -4.47 4.53 -6.35
N TYR C 201 -5.49 4.95 -7.10
CA TYR C 201 -5.61 6.34 -7.51
C TYR C 201 -6.16 7.19 -6.37
N THR C 202 -6.16 8.51 -6.59
CA THR C 202 -6.58 9.47 -5.58
C THR C 202 -7.70 10.35 -6.13
N PRO C 203 -8.24 11.28 -5.33
CA PRO C 203 -9.28 12.18 -5.86
C PRO C 203 -8.83 13.01 -7.05
N ALA C 204 -7.56 12.91 -7.46
CA ALA C 204 -7.11 13.64 -8.65
C ALA C 204 -7.88 13.22 -9.89
N ILE C 205 -8.38 11.98 -9.92
CA ILE C 205 -9.14 11.52 -11.08
C ILE C 205 -10.38 12.38 -11.27
N ASP C 206 -10.89 12.98 -10.20
CA ASP C 206 -12.02 13.90 -10.31
C ASP C 206 -11.58 15.25 -10.84
N VAL C 207 -10.48 15.79 -10.30
CA VAL C 207 -9.97 17.08 -10.77
C VAL C 207 -9.60 16.99 -12.25
N TRP C 208 -9.14 15.82 -12.70
CA TRP C 208 -8.85 15.65 -14.13
C TRP C 208 -10.13 15.70 -14.95
N SER C 209 -11.21 15.09 -14.44
CA SER C 209 -12.49 15.17 -15.13
C SER C 209 -13.00 16.60 -15.19
N CYS C 210 -12.74 17.39 -14.15
CA CYS C 210 -13.12 18.80 -14.14
C CYS C 210 -12.16 19.67 -14.93
N GLY C 211 -11.16 19.09 -15.58
CA GLY C 211 -10.32 19.82 -16.50
C GLY C 211 -10.88 19.77 -17.90
N CYS C 212 -11.35 18.57 -18.30
CA CYS C 212 -12.05 18.44 -19.57
C CYS C 212 -13.33 19.28 -19.58
N ILE C 213 -13.99 19.41 -18.43
CA ILE C 213 -15.18 20.26 -18.34
C ILE C 213 -14.81 21.70 -18.64
N LEU C 214 -13.86 22.26 -17.88
CA LEU C 214 -13.45 23.63 -18.09
C LEU C 214 -12.93 23.83 -19.52
N GLY C 215 -12.23 22.84 -20.05
CA GLY C 215 -11.75 22.92 -21.42
C GLY C 215 -12.84 22.70 -22.46
N GLU C 216 -13.92 22.00 -22.09
CA GLU C 216 -15.03 21.79 -23.01
C GLU C 216 -15.91 23.02 -23.13
N LEU C 217 -15.93 23.87 -22.09
CA LEU C 217 -16.69 25.12 -22.16
C LEU C 217 -16.11 26.05 -23.20
N PHE C 218 -14.78 26.14 -23.28
CA PHE C 218 -14.12 27.00 -24.25
C PHE C 218 -14.02 26.39 -25.64
N THR C 219 -14.33 25.09 -25.78
CA THR C 219 -14.22 24.41 -27.06
C THR C 219 -15.52 23.77 -27.53
N LYS C 220 -16.55 23.72 -26.69
CA LYS C 220 -17.85 23.16 -27.04
C LYS C 220 -17.78 21.69 -27.43
N LYS C 221 -16.62 21.05 -27.27
CA LYS C 221 -16.44 19.66 -27.65
C LYS C 221 -15.46 18.99 -26.71
N PRO C 222 -15.69 17.72 -26.37
CA PRO C 222 -14.73 17.01 -25.52
C PRO C 222 -13.35 16.99 -26.16
N ILE C 223 -12.34 17.39 -25.38
CA ILE C 223 -11.00 17.54 -25.92
C ILE C 223 -10.35 16.19 -26.22
N PHE C 224 -10.87 15.11 -25.64
CA PHE C 224 -10.29 13.77 -25.79
C PHE C 224 -11.41 12.82 -26.21
N GLN C 225 -11.55 12.62 -27.52
CA GLN C 225 -12.57 11.74 -28.08
C GLN C 225 -11.87 10.56 -28.77
N ALA C 226 -12.05 9.37 -28.20
CA ALA C 226 -11.48 8.15 -28.76
C ALA C 226 -12.33 6.97 -28.32
N ASN C 227 -12.13 5.84 -28.99
CA ASN C 227 -12.86 4.61 -28.70
C ASN C 227 -12.07 3.64 -27.84
N LEU C 228 -10.77 3.47 -28.11
CA LEU C 228 -9.93 2.58 -27.33
C LEU C 228 -9.05 3.38 -26.38
N GLU C 229 -8.44 2.66 -25.44
CA GLU C 229 -7.58 3.30 -24.44
C GLU C 229 -6.19 3.60 -24.99
N LEU C 230 -5.68 2.76 -25.89
CA LEU C 230 -4.39 3.04 -26.49
C LEU C 230 -4.45 4.27 -27.38
N ALA C 231 -5.58 4.48 -28.07
CA ALA C 231 -5.76 5.68 -28.86
C ALA C 231 -6.22 6.86 -28.01
N GLN C 232 -6.79 6.61 -26.83
CA GLN C 232 -7.13 7.69 -25.91
C GLN C 232 -5.88 8.24 -25.24
N LEU C 233 -4.99 7.36 -24.77
CA LEU C 233 -3.71 7.81 -24.23
C LEU C 233 -2.89 8.53 -25.29
N GLU C 234 -3.07 8.17 -26.56
CA GLU C 234 -2.38 8.86 -27.65
C GLU C 234 -2.83 10.30 -27.76
N LEU C 235 -4.14 10.55 -27.69
CA LEU C 235 -4.66 11.90 -27.84
C LEU C 235 -4.25 12.79 -26.67
N ILE C 236 -4.36 12.28 -25.44
CA ILE C 236 -4.00 13.07 -24.28
C ILE C 236 -2.52 13.46 -24.34
N SER C 237 -1.66 12.53 -24.77
CA SER C 237 -0.24 12.82 -24.83
C SER C 237 0.08 13.87 -25.90
N ARG C 238 -0.68 13.89 -26.99
CA ARG C 238 -0.42 14.86 -28.06
C ARG C 238 -0.59 16.29 -27.59
N LEU C 239 -1.33 16.52 -26.50
CA LEU C 239 -1.62 17.86 -26.01
C LEU C 239 -0.82 18.23 -24.77
N CYS C 240 -0.81 17.38 -23.76
CA CYS C 240 -0.16 17.68 -22.48
C CYS C 240 1.27 17.16 -22.39
N GLY C 241 1.70 16.34 -23.34
CA GLY C 241 3.02 15.74 -23.29
C GLY C 241 2.95 14.24 -23.02
N SER C 242 4.06 13.58 -23.28
CA SER C 242 4.01 12.13 -23.09
C SER C 242 4.36 11.77 -21.64
N PRO C 243 3.71 10.75 -21.08
CA PRO C 243 4.05 10.32 -19.72
C PRO C 243 5.43 9.71 -19.63
N CYS C 244 6.39 10.48 -19.12
CA CYS C 244 7.76 10.01 -18.89
C CYS C 244 8.17 10.42 -17.48
N PRO C 245 9.15 9.71 -16.91
CA PRO C 245 9.54 10.01 -15.52
C PRO C 245 10.03 11.44 -15.32
N ALA C 246 10.38 12.15 -16.39
CA ALA C 246 10.85 13.52 -16.25
C ALA C 246 9.78 14.42 -15.65
N VAL C 247 8.51 14.14 -15.92
CA VAL C 247 7.39 14.90 -15.39
C VAL C 247 6.49 14.07 -14.50
N TRP C 248 6.84 12.82 -14.24
CA TRP C 248 6.00 11.89 -13.50
C TRP C 248 6.86 10.74 -13.01
N PRO C 249 7.65 10.94 -11.95
CA PRO C 249 8.63 9.92 -11.55
C PRO C 249 8.02 8.57 -11.17
N ASP C 250 6.70 8.47 -11.04
CA ASP C 250 6.05 7.23 -10.66
C ASP C 250 5.43 6.49 -11.85
N VAL C 251 5.50 7.06 -13.05
CA VAL C 251 4.79 6.50 -14.19
C VAL C 251 5.33 5.13 -14.57
N ILE C 252 6.61 4.86 -14.28
CA ILE C 252 7.20 3.58 -14.66
C ILE C 252 6.68 2.43 -13.83
N LYS C 253 5.89 2.70 -12.79
CA LYS C 253 5.34 1.65 -11.94
C LYS C 253 3.93 1.24 -12.35
N LEU C 254 3.37 1.85 -13.40
CA LEU C 254 2.04 1.51 -13.85
C LEU C 254 2.08 0.27 -14.75
N PRO C 255 1.14 -0.66 -14.59
CA PRO C 255 1.26 -1.95 -15.29
C PRO C 255 1.28 -1.84 -16.81
N TYR C 256 0.52 -0.90 -17.38
CA TYR C 256 0.42 -0.77 -18.82
C TYR C 256 1.34 0.31 -19.39
N PHE C 257 2.35 0.73 -18.62
CA PHE C 257 3.23 1.80 -19.08
C PHE C 257 4.02 1.39 -20.32
N ASN C 258 4.80 0.31 -20.20
CA ASN C 258 5.59 -0.14 -21.35
C ASN C 258 4.70 -0.74 -22.44
N THR C 259 3.59 -1.37 -22.06
CA THR C 259 2.70 -1.96 -23.06
C THR C 259 2.05 -0.88 -23.91
N MET C 260 1.39 0.09 -23.27
CA MET C 260 0.68 1.15 -23.98
C MET C 260 1.61 2.36 -24.12
N LYS C 261 2.50 2.28 -25.11
CA LYS C 261 3.41 3.38 -25.37
C LYS C 261 2.87 4.25 -26.49
N PRO C 262 2.73 5.56 -26.28
CA PRO C 262 2.35 6.45 -27.38
C PRO C 262 3.35 6.34 -28.52
N LYS C 263 2.93 6.82 -29.70
CA LYS C 263 3.76 6.71 -30.89
C LYS C 263 5.06 7.50 -30.77
N LYS C 264 5.10 8.53 -29.93
CA LYS C 264 6.26 9.40 -29.82
C LYS C 264 6.38 9.88 -28.39
N GLN C 265 7.28 10.84 -28.17
CA GLN C 265 7.45 11.52 -26.88
C GLN C 265 7.16 13.00 -27.13
N TYR C 266 5.88 13.37 -27.08
CA TYR C 266 5.46 14.69 -27.50
C TYR C 266 5.84 15.75 -26.46
N ARG C 267 5.95 16.99 -26.93
CA ARG C 267 6.10 18.14 -26.06
C ARG C 267 4.72 18.70 -25.71
N ARG C 268 4.68 19.51 -24.67
CA ARG C 268 3.42 20.04 -24.13
C ARG C 268 3.06 21.31 -24.88
N ARG C 269 2.08 21.20 -25.78
CA ARG C 269 1.53 22.35 -26.50
C ARG C 269 0.18 22.79 -25.93
N LEU C 270 -0.03 22.60 -24.63
CA LEU C 270 -1.32 22.94 -24.03
C LEU C 270 -1.64 24.42 -24.19
N ARG C 271 -0.66 25.29 -23.96
CA ARG C 271 -0.85 26.72 -24.11
C ARG C 271 -0.81 27.17 -25.57
N GLU C 272 -0.41 26.28 -26.49
CA GLU C 272 -0.42 26.63 -27.91
C GLU C 272 -1.82 26.52 -28.50
N GLU C 273 -2.45 25.35 -28.37
CA GLU C 273 -3.78 25.14 -28.92
C GLU C 273 -4.87 25.78 -28.07
N PHE C 274 -4.56 26.14 -26.82
CA PHE C 274 -5.49 26.85 -25.95
C PHE C 274 -5.07 28.31 -25.75
N SER C 275 -4.48 28.91 -26.78
CA SER C 275 -4.02 30.29 -26.65
C SER C 275 -5.19 31.28 -26.64
N PHE C 276 -6.30 30.93 -27.29
CA PHE C 276 -7.44 31.83 -27.38
C PHE C 276 -8.26 31.89 -26.10
N ILE C 277 -7.85 31.20 -25.04
CA ILE C 277 -8.54 31.26 -23.76
C ILE C 277 -7.86 32.33 -22.91
N PRO C 278 -8.58 32.97 -21.98
CA PRO C 278 -7.96 33.99 -21.13
C PRO C 278 -6.79 33.41 -20.35
N SER C 279 -6.01 34.31 -19.75
CA SER C 279 -4.78 33.89 -19.07
C SER C 279 -5.08 33.22 -17.74
N ALA C 280 -5.86 33.89 -16.88
CA ALA C 280 -6.16 33.33 -15.57
C ALA C 280 -6.86 31.99 -15.69
N ALA C 281 -7.65 31.79 -16.75
CA ALA C 281 -8.28 30.49 -16.96
C ALA C 281 -7.32 29.48 -17.53
N LEU C 282 -6.29 29.93 -18.25
CA LEU C 282 -5.29 29.02 -18.80
C LEU C 282 -4.32 28.55 -17.73
N ASP C 283 -4.00 29.40 -16.75
CA ASP C 283 -3.17 28.97 -15.64
C ASP C 283 -3.89 27.92 -14.79
N LEU C 284 -5.20 28.07 -14.62
CA LEU C 284 -5.97 27.04 -13.93
C LEU C 284 -6.09 25.78 -14.78
N LEU C 285 -6.26 25.95 -16.09
CA LEU C 285 -6.36 24.80 -16.98
C LEU C 285 -5.07 23.99 -17.00
N ASP C 286 -3.93 24.68 -16.92
CA ASP C 286 -2.65 23.98 -16.96
C ASP C 286 -2.41 23.21 -15.67
N HIS C 287 -2.69 23.83 -14.52
CA HIS C 287 -2.47 23.16 -13.24
C HIS C 287 -3.46 22.02 -13.00
N MET C 288 -4.58 22.01 -13.73
CA MET C 288 -5.54 20.92 -13.61
C MET C 288 -5.26 19.78 -14.57
N LEU C 289 -4.43 20.00 -15.59
CA LEU C 289 -4.06 18.97 -16.55
C LEU C 289 -2.61 18.53 -16.39
N THR C 290 -2.08 18.63 -15.18
CA THR C 290 -0.73 18.12 -14.91
C THR C 290 -0.72 16.60 -15.00
N LEU C 291 0.21 16.06 -15.79
CA LEU C 291 0.25 14.61 -16.00
C LEU C 291 0.43 13.87 -14.69
N ASP C 292 1.40 14.26 -13.89
CA ASP C 292 1.64 13.60 -12.61
C ASP C 292 0.51 13.92 -11.65
N PRO C 293 -0.25 12.93 -11.17
CA PRO C 293 -1.37 13.23 -10.26
C PRO C 293 -0.93 13.84 -8.94
N SER C 294 0.32 13.62 -8.52
CA SER C 294 0.80 14.24 -7.29
C SER C 294 1.14 15.71 -7.48
N LYS C 295 1.34 16.16 -8.72
CA LYS C 295 1.55 17.57 -9.03
C LYS C 295 0.27 18.25 -9.50
N ARG C 296 -0.84 17.52 -9.53
CA ARG C 296 -2.12 18.08 -9.93
C ARG C 296 -2.76 18.81 -8.75
N CYS C 297 -3.13 20.06 -8.97
CA CYS C 297 -3.63 20.89 -7.87
C CYS C 297 -4.87 20.26 -7.24
N THR C 298 -4.94 20.34 -5.92
CA THR C 298 -6.09 19.82 -5.19
C THR C 298 -7.32 20.70 -5.45
N ALA C 299 -8.46 20.26 -4.91
CA ALA C 299 -9.70 20.96 -5.16
C ALA C 299 -9.71 22.35 -4.53
N GLU C 300 -9.23 22.46 -3.29
CA GLU C 300 -9.22 23.75 -2.61
C GLU C 300 -8.40 24.79 -3.37
N GLN C 301 -7.31 24.36 -4.01
CA GLN C 301 -6.43 25.30 -4.69
C GLN C 301 -7.12 25.95 -5.89
N THR C 302 -7.97 25.21 -6.60
CA THR C 302 -8.69 25.81 -7.72
C THR C 302 -9.61 26.93 -7.27
N LEU C 303 -10.13 26.84 -6.04
CA LEU C 303 -10.94 27.93 -5.49
C LEU C 303 -10.09 29.13 -5.08
N GLN C 304 -8.77 28.99 -5.05
CA GLN C 304 -7.88 30.07 -4.66
C GLN C 304 -7.18 30.72 -5.85
N SER C 305 -7.44 30.25 -7.07
CA SER C 305 -6.85 30.84 -8.25
C SER C 305 -7.49 32.20 -8.55
N ASP C 306 -6.78 33.00 -9.35
CA ASP C 306 -7.29 34.32 -9.71
C ASP C 306 -8.62 34.23 -10.42
N PHE C 307 -8.89 33.12 -11.11
CA PHE C 307 -10.11 32.98 -11.88
C PHE C 307 -11.33 32.65 -11.02
N LEU C 308 -11.11 32.14 -9.80
CA LEU C 308 -12.21 31.77 -8.92
C LEU C 308 -12.11 32.37 -7.51
N LYS C 309 -10.96 32.88 -7.11
CA LYS C 309 -10.80 33.35 -5.73
C LYS C 309 -11.64 34.59 -5.44
N ASP C 310 -12.04 35.35 -6.46
CA ASP C 310 -12.75 36.61 -6.27
C ASP C 310 -14.16 36.59 -6.85
N VAL C 311 -14.63 35.45 -7.36
CA VAL C 311 -15.95 35.40 -7.98
C VAL C 311 -17.01 35.44 -6.87
N GLU C 312 -17.85 36.47 -6.91
CA GLU C 312 -18.95 36.62 -5.96
C GLU C 312 -20.21 36.03 -6.59
N LEU C 313 -20.65 34.88 -6.08
CA LEU C 313 -21.79 34.19 -6.68
C LEU C 313 -23.10 34.96 -6.45
N SER C 314 -23.23 35.66 -5.33
CA SER C 314 -24.45 36.41 -5.07
C SER C 314 -24.65 37.49 -6.14
N LYS C 315 -23.61 38.27 -6.42
CA LYS C 315 -23.69 39.32 -7.43
C LYS C 315 -23.32 38.78 -8.82
N MET C 316 -23.99 37.72 -9.24
CA MET C 316 -23.77 37.10 -10.54
C MET C 316 -25.07 37.09 -11.32
N ALA C 317 -24.96 37.38 -12.62
CA ALA C 317 -26.15 37.45 -13.48
C ALA C 317 -26.48 36.08 -14.06
N PRO C 318 -27.72 35.62 -13.94
CA PRO C 318 -28.08 34.31 -14.51
C PRO C 318 -27.99 34.34 -16.03
N PRO C 319 -27.56 33.23 -16.64
CA PRO C 319 -27.43 33.20 -18.10
C PRO C 319 -28.77 33.20 -18.82
N ASP C 320 -28.71 32.96 -20.13
CA ASP C 320 -29.93 32.93 -20.98
C ASP C 320 -30.23 31.49 -21.43
N LEU C 321 -30.50 30.59 -20.49
CA LEU C 321 -30.87 29.19 -20.86
C LEU C 321 -32.24 29.18 -21.54
N PRO C 322 -32.53 28.22 -22.46
CA PRO C 322 -33.82 28.15 -23.16
C PRO C 322 -35.00 27.77 -22.26
N HIS C 323 -36.25 27.96 -22.74
CA HIS C 323 -37.37 27.68 -21.80
C HIS C 323 -38.13 26.47 -22.34
N TRP C 324 -37.94 26.14 -23.62
CA TRP C 324 -38.63 24.99 -24.25
C TRP C 324 -37.60 24.12 -24.98
N GLN C 325 -36.62 23.61 -24.24
CA GLN C 325 -35.53 22.82 -24.85
C GLN C 325 -35.58 21.38 -24.30
N ASP C 326 -34.59 20.53 -24.63
CA ASP C 326 -34.42 19.13 -24.16
C ASP C 326 -35.56 18.23 -24.69
N CYS C 327 -36.61 18.79 -25.31
CA CYS C 327 -37.63 17.86 -25.82
C CYS C 327 -37.33 17.69 -27.30
N HIS C 328 -36.05 17.40 -27.61
CA HIS C 328 -35.60 17.22 -29.01
C HIS C 328 -34.25 16.50 -29.02
N LYS D 22 -31.61 13.88 9.93
CA LYS D 22 -31.38 12.55 10.48
C LYS D 22 -32.36 12.25 11.61
N PRO D 23 -32.97 11.06 11.57
CA PRO D 23 -33.92 10.69 12.62
C PRO D 23 -33.23 10.42 13.95
N CYS D 24 -34.00 10.58 15.02
CA CYS D 24 -33.53 10.27 16.36
C CYS D 24 -33.80 8.80 16.67
N TRP D 25 -32.75 8.03 16.91
CA TRP D 25 -32.83 6.58 17.06
C TRP D 25 -32.55 6.11 18.48
N TYR D 26 -33.09 6.82 19.47
CA TYR D 26 -32.93 6.42 20.86
C TYR D 26 -34.22 6.68 21.61
N TRP D 27 -34.50 5.83 22.60
CA TRP D 27 -35.74 5.85 23.34
C TRP D 27 -35.46 5.87 24.84
N ASP D 28 -36.44 6.36 25.60
CA ASP D 28 -36.36 6.39 27.04
C ASP D 28 -36.61 4.99 27.61
N LYS D 29 -36.09 4.77 28.82
CA LYS D 29 -36.37 3.51 29.51
C LYS D 29 -37.87 3.30 29.69
N LYS D 30 -38.63 4.40 29.78
CA LYS D 30 -40.09 4.30 29.84
C LYS D 30 -40.68 4.07 28.45
N ASP D 31 -40.08 4.65 27.41
CA ASP D 31 -40.55 4.39 26.05
C ASP D 31 -40.33 2.94 25.65
N LEU D 32 -39.31 2.28 26.21
CA LEU D 32 -39.03 0.89 25.91
C LEU D 32 -39.98 -0.08 26.60
N ALA D 33 -40.89 0.41 27.43
CA ALA D 33 -41.84 -0.45 28.13
C ALA D 33 -43.16 -0.59 27.38
N HIS D 34 -43.50 0.36 26.51
CA HIS D 34 -44.75 0.29 25.75
C HIS D 34 -44.47 0.06 24.27
N THR D 35 -43.62 -0.91 23.96
CA THR D 35 -43.34 -1.26 22.58
C THR D 35 -44.59 -1.87 21.94
N PRO D 36 -44.66 -1.85 20.60
CA PRO D 36 -45.82 -2.48 19.94
C PRO D 36 -46.08 -3.90 20.40
N SER D 37 -45.04 -4.63 20.80
CA SER D 37 -45.24 -5.99 21.33
C SER D 37 -45.88 -5.95 22.71
N GLN D 38 -45.61 -4.90 23.50
CA GLN D 38 -46.24 -4.77 24.81
C GLN D 38 -47.70 -4.37 24.68
N LEU D 39 -48.00 -3.44 23.77
CA LEU D 39 -49.38 -3.00 23.60
C LEU D 39 -50.28 -4.14 23.16
N GLU D 40 -49.78 -5.01 22.29
CA GLU D 40 -50.55 -6.16 21.81
C GLU D 40 -50.52 -7.34 22.76
N GLY D 41 -50.24 -7.12 24.05
CA GLY D 41 -50.40 -8.16 25.04
C GLY D 41 -49.12 -8.75 25.61
N LEU D 42 -48.12 -8.95 24.77
CA LEU D 42 -46.90 -9.65 25.19
C LEU D 42 -46.33 -9.01 26.44
N ASP D 43 -45.81 -9.85 27.35
CA ASP D 43 -45.21 -9.38 28.58
C ASP D 43 -43.72 -9.12 28.39
N PRO D 44 -43.14 -8.25 29.22
CA PRO D 44 -41.71 -7.90 29.04
C PRO D 44 -40.77 -9.09 29.16
N ALA D 45 -41.09 -10.06 30.03
CA ALA D 45 -40.19 -11.20 30.21
C ALA D 45 -40.05 -12.00 28.93
N THR D 46 -41.17 -12.28 28.25
CA THR D 46 -41.10 -13.06 27.02
C THR D 46 -40.48 -12.24 25.88
N GLU D 47 -40.76 -10.94 25.84
CA GLU D 47 -40.14 -10.10 24.82
C GLU D 47 -38.63 -10.01 25.03
N ALA D 48 -38.20 -9.86 26.28
CA ALA D 48 -36.77 -9.87 26.58
C ALA D 48 -36.12 -11.16 26.07
N ARG D 49 -36.84 -12.28 26.17
CA ARG D 49 -36.33 -13.54 25.64
C ARG D 49 -36.38 -13.57 24.12
N TYR D 50 -37.36 -12.90 23.51
CA TYR D 50 -37.44 -12.89 22.06
C TYR D 50 -36.31 -12.08 21.44
N ARG D 51 -35.92 -10.98 22.08
CA ARG D 51 -34.82 -10.17 21.55
C ARG D 51 -33.49 -10.86 21.77
N ARG D 52 -33.37 -11.69 22.81
CA ARG D 52 -32.14 -12.45 23.01
C ARG D 52 -31.98 -13.53 21.95
N GLU D 53 -33.02 -14.35 21.77
CA GLU D 53 -32.94 -15.43 20.79
C GLU D 53 -32.67 -14.90 19.39
N GLY D 54 -33.19 -13.72 19.06
CA GLY D 54 -32.96 -13.17 17.74
C GLY D 54 -31.53 -12.71 17.54
N ALA D 55 -31.01 -11.95 18.51
CA ALA D 55 -29.62 -11.49 18.41
C ALA D 55 -28.65 -12.66 18.31
N ARG D 56 -28.91 -13.72 19.06
CA ARG D 56 -28.02 -14.88 19.03
C ARG D 56 -28.27 -15.77 17.82
N PHE D 57 -29.49 -15.74 17.26
CA PHE D 57 -29.73 -16.41 16.00
C PHE D 57 -28.98 -15.72 14.87
N ILE D 58 -29.05 -14.40 14.80
CA ILE D 58 -28.27 -13.65 13.83
C ILE D 58 -26.78 -13.86 14.07
N PHE D 59 -26.38 -13.95 15.35
CA PHE D 59 -24.97 -14.14 15.68
C PHE D 59 -24.49 -15.50 15.21
N ASP D 60 -25.26 -16.56 15.49
CA ASP D 60 -24.85 -17.91 15.10
C ASP D 60 -24.82 -18.05 13.59
N VAL D 61 -25.84 -17.56 12.90
CA VAL D 61 -25.90 -17.70 11.44
C VAL D 61 -24.80 -16.90 10.78
N GLY D 62 -24.57 -15.67 11.25
CA GLY D 62 -23.55 -14.84 10.64
C GLY D 62 -22.14 -15.37 10.87
N THR D 63 -21.89 -15.91 12.07
CA THR D 63 -20.57 -16.46 12.36
C THR D 63 -20.30 -17.71 11.51
N ARG D 64 -21.27 -18.63 11.46
CA ARG D 64 -21.11 -19.82 10.63
C ARG D 64 -20.98 -19.48 9.16
N LEU D 65 -21.34 -18.26 8.76
CA LEU D 65 -21.13 -17.79 7.39
C LEU D 65 -19.80 -17.07 7.21
N GLY D 66 -19.08 -16.79 8.30
CA GLY D 66 -17.83 -16.07 8.21
C GLY D 66 -17.97 -14.56 8.23
N LEU D 67 -19.11 -14.04 8.69
CA LEU D 67 -19.31 -12.60 8.73
C LEU D 67 -18.57 -11.98 9.92
N HIS D 68 -18.31 -10.68 9.80
CA HIS D 68 -17.40 -9.96 10.67
C HIS D 68 -18.19 -9.03 11.60
N TYR D 69 -17.53 -8.63 12.69
CA TYR D 69 -18.27 -8.15 13.87
C TYR D 69 -19.13 -6.93 13.55
N ASP D 70 -18.62 -5.98 12.76
CA ASP D 70 -19.44 -4.82 12.44
C ASP D 70 -20.70 -5.23 11.69
N THR D 71 -20.60 -6.24 10.83
CA THR D 71 -21.77 -6.66 10.06
C THR D 71 -22.83 -7.29 10.95
N LEU D 72 -22.42 -8.16 11.88
CA LEU D 72 -23.38 -8.79 12.78
C LEU D 72 -24.03 -7.76 13.69
N ALA D 73 -23.25 -6.79 14.16
CA ALA D 73 -23.82 -5.75 15.02
C ALA D 73 -24.84 -4.91 14.26
N THR D 74 -24.55 -4.57 13.00
CA THR D 74 -25.50 -3.83 12.19
C THR D 74 -26.80 -4.59 12.02
N GLY D 75 -26.70 -5.89 11.70
CA GLY D 75 -27.89 -6.71 11.57
C GLY D 75 -28.70 -6.75 12.85
N ILE D 76 -28.02 -6.89 13.99
CA ILE D 76 -28.72 -6.91 15.27
C ILE D 76 -29.37 -5.55 15.54
N ILE D 77 -28.70 -4.46 15.16
CA ILE D 77 -29.26 -3.14 15.37
C ILE D 77 -30.53 -2.95 14.54
N TYR D 78 -30.54 -3.49 13.32
CA TYR D 78 -31.77 -3.47 12.53
C TYR D 78 -32.87 -4.27 13.23
N PHE D 79 -32.50 -5.38 13.86
CA PHE D 79 -33.49 -6.22 14.54
C PHE D 79 -34.13 -5.49 15.71
N HIS D 80 -33.32 -4.82 16.54
CA HIS D 80 -33.87 -4.10 17.68
C HIS D 80 -34.73 -2.93 17.24
N ARG D 81 -34.28 -2.18 16.23
CA ARG D 81 -35.06 -1.04 15.75
C ARG D 81 -36.34 -1.50 15.06
N PHE D 82 -36.31 -2.66 14.40
CA PHE D 82 -37.50 -3.13 13.70
C PHE D 82 -38.65 -3.37 14.66
N TYR D 83 -38.37 -3.94 15.83
CA TYR D 83 -39.40 -4.25 16.81
C TYR D 83 -39.73 -3.09 17.73
N MET D 84 -39.14 -1.92 17.49
CA MET D 84 -39.64 -0.69 18.09
C MET D 84 -40.85 -0.14 17.36
N PHE D 85 -41.13 -0.64 16.16
CA PHE D 85 -42.27 -0.21 15.37
C PHE D 85 -43.24 -1.34 15.02
N HIS D 86 -42.87 -2.59 15.29
CA HIS D 86 -43.71 -3.74 14.97
C HIS D 86 -43.72 -4.69 16.17
N SER D 87 -44.69 -5.60 16.16
CA SER D 87 -44.90 -6.54 17.25
C SER D 87 -44.37 -7.92 16.91
N PHE D 88 -43.91 -8.63 17.94
CA PHE D 88 -43.50 -10.01 17.75
C PHE D 88 -44.68 -10.92 17.41
N LYS D 89 -45.88 -10.57 17.87
CA LYS D 89 -47.06 -11.33 17.51
C LYS D 89 -47.41 -11.20 16.04
N GLN D 90 -46.85 -10.20 15.35
CA GLN D 90 -47.12 -9.99 13.93
C GLN D 90 -45.95 -10.38 13.04
N PHE D 91 -44.76 -10.57 13.60
CA PHE D 91 -43.57 -10.88 12.81
C PHE D 91 -42.69 -11.88 13.54
N PRO D 92 -42.57 -13.11 13.03
CA PRO D 92 -41.65 -14.07 13.65
C PRO D 92 -40.22 -13.52 13.68
N ARG D 93 -39.56 -13.72 14.81
CA ARG D 93 -38.23 -13.13 15.02
C ARG D 93 -37.18 -13.79 14.14
N TYR D 94 -37.19 -15.12 14.05
CA TYR D 94 -36.17 -15.81 13.26
C TYR D 94 -36.25 -15.41 11.79
N VAL D 95 -37.45 -15.21 11.27
CA VAL D 95 -37.59 -14.71 9.91
C VAL D 95 -36.99 -13.32 9.79
N THR D 96 -37.40 -12.41 10.70
CA THR D 96 -36.84 -11.06 10.68
C THR D 96 -35.34 -11.07 10.91
N GLY D 97 -34.84 -12.00 11.72
CA GLY D 97 -33.40 -12.07 11.95
C GLY D 97 -32.64 -12.39 10.67
N ALA D 98 -33.12 -13.36 9.91
CA ALA D 98 -32.47 -13.69 8.64
C ALA D 98 -32.54 -12.52 7.66
N CYS D 99 -33.62 -11.74 7.72
CA CYS D 99 -33.75 -10.60 6.81
C CYS D 99 -32.82 -9.47 7.23
N CYS D 100 -32.67 -9.23 8.54
CA CYS D 100 -31.76 -8.21 9.02
C CYS D 100 -30.32 -8.57 8.69
N LEU D 101 -29.95 -9.84 8.85
CA LEU D 101 -28.59 -10.27 8.52
C LEU D 101 -28.34 -10.20 7.02
N PHE D 102 -29.39 -10.40 6.21
CA PHE D 102 -29.24 -10.32 4.76
C PHE D 102 -28.91 -8.90 4.32
N LEU D 103 -29.63 -7.91 4.86
CA LEU D 103 -29.38 -6.52 4.48
C LEU D 103 -28.06 -6.02 5.05
N ALA D 104 -27.74 -6.40 6.29
CA ALA D 104 -26.49 -5.97 6.90
C ALA D 104 -25.30 -6.39 6.05
N GLY D 105 -25.35 -7.61 5.49
CA GLY D 105 -24.28 -8.05 4.63
C GLY D 105 -24.13 -7.18 3.39
N LYS D 106 -25.26 -6.67 2.87
CA LYS D 106 -25.21 -5.80 1.71
C LYS D 106 -24.81 -4.37 2.09
N VAL D 107 -25.13 -3.95 3.32
CA VAL D 107 -24.75 -2.61 3.76
C VAL D 107 -23.27 -2.55 4.11
N GLU D 108 -22.75 -3.57 4.79
CA GLU D 108 -21.35 -3.62 5.19
C GLU D 108 -20.43 -4.14 4.08
N GLU D 109 -20.92 -4.25 2.85
CA GLU D 109 -20.11 -4.68 1.72
C GLU D 109 -19.54 -6.08 1.91
N THR D 110 -20.26 -6.94 2.61
CA THR D 110 -19.91 -8.35 2.76
C THR D 110 -21.13 -9.20 2.45
N PRO D 111 -21.64 -9.12 1.23
CA PRO D 111 -22.93 -9.75 0.92
C PRO D 111 -22.85 -11.27 0.90
N LYS D 112 -23.87 -11.90 1.47
CA LYS D 112 -24.06 -13.34 1.41
C LYS D 112 -25.37 -13.63 0.70
N LYS D 113 -25.37 -14.63 -0.18
CA LYS D 113 -26.56 -14.97 -0.93
C LYS D 113 -27.71 -15.33 0.00
N CYS D 114 -28.92 -14.99 -0.41
CA CYS D 114 -30.09 -15.28 0.41
C CYS D 114 -30.28 -16.76 0.64
N LYS D 115 -29.94 -17.58 -0.36
CA LYS D 115 -30.07 -19.03 -0.19
C LYS D 115 -29.10 -19.56 0.85
N ASP D 116 -27.96 -18.89 1.05
CA ASP D 116 -26.99 -19.37 2.02
C ASP D 116 -27.44 -19.08 3.45
N ILE D 117 -28.10 -17.94 3.67
CA ILE D 117 -28.60 -17.63 5.01
C ILE D 117 -29.71 -18.60 5.40
N ILE D 118 -30.60 -18.93 4.47
CA ILE D 118 -31.65 -19.89 4.76
C ILE D 118 -31.05 -21.27 5.02
N LYS D 119 -30.07 -21.67 4.22
CA LYS D 119 -29.43 -22.96 4.43
C LYS D 119 -28.72 -23.00 5.78
N THR D 120 -28.11 -21.89 6.19
CA THR D 120 -27.49 -21.84 7.50
C THR D 120 -28.54 -21.78 8.61
N ALA D 121 -29.68 -21.15 8.34
CA ALA D 121 -30.74 -21.06 9.34
C ALA D 121 -31.33 -22.44 9.62
N ARG D 122 -31.43 -23.31 8.61
CA ARG D 122 -31.98 -24.64 8.82
C ARG D 122 -31.04 -25.49 9.67
N SER D 123 -29.73 -25.35 9.47
CA SER D 123 -28.75 -26.12 10.23
C SER D 123 -28.71 -25.74 11.70
N LEU D 124 -29.39 -24.65 12.09
CA LEU D 124 -29.37 -24.19 13.47
C LEU D 124 -30.74 -24.20 14.14
N LEU D 125 -31.83 -24.30 13.38
CA LEU D 125 -33.18 -24.32 13.93
C LEU D 125 -33.81 -25.69 13.70
N ASN D 126 -34.60 -26.14 14.67
CA ASN D 126 -35.30 -27.40 14.55
C ASN D 126 -36.57 -27.20 13.72
N ASP D 127 -37.43 -28.21 13.69
CA ASP D 127 -38.64 -28.11 12.87
C ASP D 127 -39.64 -27.11 13.44
N VAL D 128 -39.68 -26.95 14.76
CA VAL D 128 -40.63 -26.03 15.37
C VAL D 128 -40.28 -24.59 15.04
N GLN D 129 -39.00 -24.23 15.21
CA GLN D 129 -38.58 -22.85 14.95
C GLN D 129 -38.54 -22.57 13.46
N PHE D 130 -38.08 -23.53 12.65
CA PHE D 130 -38.00 -23.31 11.21
C PHE D 130 -39.37 -23.21 10.56
N GLY D 131 -40.43 -23.65 11.25
CA GLY D 131 -41.77 -23.52 10.70
C GLY D 131 -42.21 -22.09 10.51
N GLN D 132 -41.51 -21.13 11.10
CA GLN D 132 -41.85 -19.72 10.91
C GLN D 132 -41.55 -19.24 9.51
N PHE D 133 -40.64 -19.91 8.80
CA PHE D 133 -40.27 -19.48 7.45
C PHE D 133 -41.31 -19.85 6.41
N GLY D 134 -42.12 -20.87 6.66
CA GLY D 134 -43.19 -21.24 5.76
C GLY D 134 -42.78 -22.16 4.64
N ASP D 135 -43.48 -22.08 3.51
CA ASP D 135 -43.18 -22.95 2.38
C ASP D 135 -41.94 -22.52 1.64
N ASP D 136 -41.88 -21.26 1.21
CA ASP D 136 -40.74 -20.71 0.48
C ASP D 136 -39.98 -19.78 1.42
N PRO D 137 -39.00 -20.28 2.18
CA PRO D 137 -38.31 -19.41 3.15
C PRO D 137 -37.63 -18.22 2.51
N LYS D 138 -37.03 -18.40 1.32
CA LYS D 138 -36.36 -17.28 0.68
C LYS D 138 -37.33 -16.15 0.37
N GLU D 139 -38.45 -16.47 -0.29
CA GLU D 139 -39.45 -15.46 -0.57
C GLU D 139 -40.02 -14.87 0.72
N GLU D 140 -40.00 -15.65 1.81
CA GLU D 140 -40.47 -15.13 3.09
C GLU D 140 -39.58 -14.00 3.59
N VAL D 141 -38.29 -14.03 3.25
CA VAL D 141 -37.36 -13.00 3.68
C VAL D 141 -37.30 -11.85 2.67
N MET D 142 -37.42 -12.16 1.38
CA MET D 142 -37.35 -11.10 0.37
C MET D 142 -38.49 -10.11 0.52
N VAL D 143 -39.70 -10.61 0.82
CA VAL D 143 -40.82 -9.71 1.05
C VAL D 143 -40.64 -8.92 2.33
N LEU D 144 -40.02 -9.52 3.34
CA LEU D 144 -39.75 -8.82 4.59
C LEU D 144 -38.65 -7.76 4.42
N GLU D 145 -37.97 -7.73 3.28
CA GLU D 145 -36.98 -6.68 3.05
C GLU D 145 -37.64 -5.36 2.70
N ARG D 146 -38.80 -5.41 2.03
CA ARG D 146 -39.53 -4.18 1.75
C ARG D 146 -39.90 -3.45 3.05
N ILE D 147 -40.38 -4.20 4.05
CA ILE D 147 -40.86 -3.59 5.28
C ILE D 147 -39.71 -3.12 6.15
N LEU D 148 -38.62 -3.91 6.21
CA LEU D 148 -37.49 -3.53 7.06
C LEU D 148 -36.88 -2.22 6.60
N LEU D 149 -36.71 -2.04 5.28
CA LEU D 149 -36.13 -0.80 4.78
C LEU D 149 -37.00 0.40 5.13
N GLN D 150 -38.33 0.24 5.01
CA GLN D 150 -39.22 1.34 5.37
C GLN D 150 -39.18 1.61 6.87
N THR D 151 -39.06 0.56 7.68
CA THR D 151 -39.09 0.72 9.13
C THR D 151 -37.86 1.46 9.64
N ILE D 152 -36.70 1.21 9.02
CA ILE D 152 -35.45 1.83 9.45
C ILE D 152 -35.29 3.18 8.77
N LYS D 153 -36.33 3.61 8.05
CA LYS D 153 -36.34 4.92 7.40
C LYS D 153 -35.15 5.10 6.46
N PHE D 154 -34.66 4.00 5.88
CA PHE D 154 -33.52 4.03 4.98
C PHE D 154 -32.30 4.68 5.63
N ASP D 155 -32.13 4.45 6.93
CA ASP D 155 -30.95 4.90 7.67
C ASP D 155 -30.06 3.68 7.86
N LEU D 156 -29.17 3.44 6.91
CA LEU D 156 -28.39 2.21 6.85
C LEU D 156 -27.08 2.31 7.63
N GLN D 157 -26.35 3.40 7.46
CA GLN D 157 -25.05 3.54 8.12
C GLN D 157 -25.24 3.61 9.63
N VAL D 158 -24.54 2.74 10.35
CA VAL D 158 -24.62 2.69 11.81
C VAL D 158 -23.24 2.36 12.37
N GLU D 159 -22.84 3.07 13.41
CA GLU D 159 -21.59 2.81 14.11
C GLU D 159 -21.83 1.93 15.33
N HIS D 160 -20.78 1.27 15.77
CA HIS D 160 -20.86 0.27 16.83
C HIS D 160 -19.81 0.53 17.89
N PRO D 161 -20.01 0.00 19.10
CA PRO D 161 -19.03 0.25 20.18
C PRO D 161 -17.65 -0.33 19.91
N TYR D 162 -17.53 -1.31 19.02
CA TYR D 162 -16.23 -1.95 18.80
C TYR D 162 -15.19 -0.93 18.38
N GLN D 163 -15.48 -0.12 17.37
CA GLN D 163 -14.52 0.86 16.89
C GLN D 163 -14.13 1.86 17.98
N PHE D 164 -15.05 2.13 18.92
CA PHE D 164 -14.73 3.02 20.02
C PHE D 164 -14.02 2.29 21.15
N LEU D 165 -14.34 1.01 21.36
CA LEU D 165 -13.62 0.22 22.35
C LEU D 165 -12.13 0.13 22.02
N LEU D 166 -11.77 0.21 20.74
CA LEU D 166 -10.37 0.14 20.35
C LEU D 166 -9.72 1.53 20.43
N LYS D 167 -10.35 2.54 19.84
CA LYS D 167 -9.74 3.85 19.76
C LYS D 167 -9.45 4.42 21.14
N TYR D 168 -10.38 4.23 22.08
CA TYR D 168 -10.17 4.76 23.44
C TYR D 168 -9.10 3.97 24.18
N ALA D 169 -9.06 2.65 23.98
CA ALA D 169 -8.06 1.83 24.63
C ALA D 169 -6.67 1.98 24.01
N LYS D 170 -6.56 2.66 22.87
CA LYS D 170 -5.25 2.90 22.27
C LYS D 170 -4.50 4.02 22.96
N GLN D 171 -5.21 4.95 23.59
CA GLN D 171 -4.60 6.06 24.32
C GLN D 171 -4.29 5.69 25.77
N LEU D 172 -4.25 4.40 26.09
CA LEU D 172 -3.93 3.93 27.43
C LEU D 172 -2.48 3.47 27.49
N LYS D 173 -1.73 3.99 28.46
CA LYS D 173 -0.35 3.63 28.69
C LYS D 173 -0.26 2.88 30.00
N GLY D 174 0.22 1.64 29.95
CA GLY D 174 0.32 0.83 31.15
C GLY D 174 0.64 -0.61 30.81
N ASP D 175 0.38 -1.49 31.78
CA ASP D 175 0.65 -2.92 31.63
C ASP D 175 -0.04 -3.45 30.39
N LYS D 176 0.73 -3.86 29.38
CA LYS D 176 0.15 -4.29 28.12
C LYS D 176 -0.74 -5.52 28.29
N ASN D 177 -0.40 -6.40 29.23
CA ASN D 177 -1.21 -7.60 29.44
C ASN D 177 -2.49 -7.29 30.21
N LYS D 178 -2.44 -6.34 31.14
CA LYS D 178 -3.66 -5.95 31.86
C LYS D 178 -4.62 -5.21 30.94
N ILE D 179 -4.11 -4.26 30.15
CA ILE D 179 -4.96 -3.57 29.18
C ILE D 179 -5.46 -4.54 28.11
N GLN D 180 -4.78 -5.65 27.90
CA GLN D 180 -5.21 -6.60 26.88
C GLN D 180 -6.34 -7.50 27.37
N LYS D 181 -6.39 -7.78 28.67
CA LYS D 181 -7.51 -8.54 29.22
C LYS D 181 -8.72 -7.66 29.46
N LEU D 182 -8.51 -6.37 29.75
CA LEU D 182 -9.62 -5.44 29.88
C LEU D 182 -10.38 -5.32 28.57
N VAL D 183 -9.66 -5.13 27.47
CA VAL D 183 -10.31 -5.00 26.17
C VAL D 183 -10.94 -6.31 25.73
N GLN D 184 -10.25 -7.43 25.98
CA GLN D 184 -10.78 -8.72 25.55
C GLN D 184 -12.03 -9.11 26.33
N MET D 185 -12.11 -8.74 27.61
CA MET D 185 -13.31 -9.03 28.38
C MET D 185 -14.43 -8.04 28.05
N ALA D 186 -14.07 -6.76 27.84
CA ALA D 186 -15.07 -5.80 27.39
C ALA D 186 -15.61 -6.16 26.01
N TRP D 187 -14.81 -6.85 25.21
CA TRP D 187 -15.28 -7.29 23.90
C TRP D 187 -16.43 -8.27 24.03
N THR D 188 -16.37 -9.15 25.03
CA THR D 188 -17.45 -10.10 25.25
C THR D 188 -18.72 -9.40 25.74
N PHE D 189 -18.56 -8.35 26.55
CA PHE D 189 -19.74 -7.64 27.07
C PHE D 189 -20.48 -6.90 25.97
N VAL D 190 -19.77 -6.42 24.94
CA VAL D 190 -20.46 -5.81 23.81
C VAL D 190 -21.21 -6.85 23.01
N ASN D 191 -20.65 -8.07 22.90
CA ASN D 191 -21.39 -9.16 22.30
C ASN D 191 -22.65 -9.50 23.09
N ASP D 192 -22.72 -9.11 24.35
CA ASP D 192 -23.92 -9.27 25.15
C ASP D 192 -24.82 -8.05 25.10
N SER D 193 -24.24 -6.85 25.01
CA SER D 193 -25.06 -5.63 24.95
C SER D 193 -25.96 -5.65 23.72
N LEU D 194 -25.52 -6.25 22.62
CA LEU D 194 -26.37 -6.35 21.44
C LEU D 194 -27.62 -7.17 21.72
N CYS D 195 -27.53 -8.14 22.64
CA CYS D 195 -28.69 -8.96 22.98
C CYS D 195 -29.73 -8.20 23.80
N THR D 196 -29.39 -7.04 24.33
CA THR D 196 -30.32 -6.22 25.09
C THR D 196 -30.76 -5.03 24.24
N THR D 197 -31.49 -4.11 24.86
CA THR D 197 -31.92 -2.88 24.20
C THR D 197 -30.98 -1.71 24.47
N LEU D 198 -29.76 -1.99 24.93
CA LEU D 198 -28.80 -0.92 25.19
C LEU D 198 -28.51 -0.11 23.92
N SER D 199 -28.42 -0.78 22.78
CA SER D 199 -28.21 -0.07 21.52
C SER D 199 -29.34 0.89 21.21
N LEU D 200 -30.53 0.65 21.77
CA LEU D 200 -31.67 1.55 21.60
C LEU D 200 -31.73 2.65 22.65
N GLN D 201 -30.76 2.69 23.57
CA GLN D 201 -30.79 3.64 24.68
C GLN D 201 -29.67 4.68 24.61
N TRP D 202 -28.43 4.26 24.39
CA TRP D 202 -27.29 5.15 24.43
C TRP D 202 -26.47 5.04 23.15
N GLU D 203 -25.74 6.11 22.84
CA GLU D 203 -24.88 6.11 21.67
C GLU D 203 -23.80 5.04 21.82
N PRO D 204 -23.23 4.59 20.70
CA PRO D 204 -22.19 3.55 20.78
C PRO D 204 -20.95 3.98 21.55
N GLU D 205 -20.71 5.28 21.69
CA GLU D 205 -19.54 5.73 22.45
C GLU D 205 -19.72 5.46 23.94
N ILE D 206 -20.90 5.76 24.47
CA ILE D 206 -21.15 5.53 25.89
C ILE D 206 -21.14 4.04 26.21
N ILE D 207 -21.62 3.22 25.29
CA ILE D 207 -21.62 1.77 25.51
C ILE D 207 -20.20 1.25 25.65
N ALA D 208 -19.30 1.71 24.78
CA ALA D 208 -17.90 1.28 24.86
C ALA D 208 -17.27 1.70 26.19
N VAL D 209 -17.55 2.92 26.63
CA VAL D 209 -17.04 3.35 27.93
C VAL D 209 -17.62 2.51 29.06
N ALA D 210 -18.89 2.13 28.92
CA ALA D 210 -19.55 1.37 29.99
C ALA D 210 -18.93 -0.02 30.14
N VAL D 211 -18.65 -0.69 29.02
CA VAL D 211 -18.08 -2.04 29.12
C VAL D 211 -16.65 -1.97 29.65
N MET D 212 -15.95 -0.86 29.42
CA MET D 212 -14.64 -0.69 30.04
C MET D 212 -14.77 -0.47 31.54
N TYR D 213 -15.79 0.27 31.96
CA TYR D 213 -16.03 0.48 33.38
C TYR D 213 -16.34 -0.84 34.08
N LEU D 214 -17.22 -1.65 33.48
CA LEU D 214 -17.58 -2.93 34.09
C LEU D 214 -16.38 -3.86 34.14
N ALA D 215 -15.64 -3.97 33.04
CA ALA D 215 -14.46 -4.83 33.02
C ALA D 215 -13.43 -4.37 34.05
N GLY D 216 -13.30 -3.06 34.25
CA GLY D 216 -12.38 -2.55 35.24
C GLY D 216 -12.77 -2.92 36.66
N ARG D 217 -14.06 -3.16 36.90
CA ARG D 217 -14.52 -3.54 38.23
C ARG D 217 -14.33 -5.03 38.48
N LEU D 218 -14.72 -5.86 37.49
CA LEU D 218 -14.63 -7.31 37.68
C LEU D 218 -13.17 -7.76 37.73
N CYS D 219 -12.30 -7.12 36.97
CA CYS D 219 -10.87 -7.42 37.01
C CYS D 219 -10.14 -6.62 38.08
N LYS D 220 -10.80 -5.64 38.71
CA LYS D 220 -10.20 -4.85 39.78
C LYS D 220 -9.04 -4.01 39.27
N PHE D 221 -9.20 -3.42 38.10
CA PHE D 221 -8.16 -2.59 37.49
C PHE D 221 -8.46 -1.12 37.72
N GLU D 222 -7.43 -0.36 38.11
CA GLU D 222 -7.54 1.08 38.30
C GLU D 222 -7.30 1.74 36.95
N ILE D 223 -8.38 1.93 36.18
CA ILE D 223 -8.22 2.52 34.85
C ILE D 223 -7.75 3.96 34.94
N GLN D 224 -8.08 4.66 36.03
CA GLN D 224 -7.60 6.02 36.20
C GLN D 224 -6.09 6.07 36.37
N GLU D 225 -5.47 4.95 36.75
CA GLU D 225 -4.01 4.89 36.88
C GLU D 225 -3.32 4.85 35.52
N TRP D 226 -4.05 4.57 34.45
CA TRP D 226 -3.52 4.57 33.09
C TRP D 226 -3.88 5.84 32.32
N THR D 227 -4.59 6.77 32.95
CA THR D 227 -5.07 7.98 32.29
C THR D 227 -4.45 9.21 32.95
N SER D 228 -4.30 10.26 32.15
CA SER D 228 -3.68 11.53 32.58
C SER D 228 -4.70 12.63 32.83
N LYS D 229 -5.81 12.32 33.49
CA LYS D 229 -6.82 13.31 33.81
C LYS D 229 -6.65 13.80 35.23
N PRO D 230 -7.26 14.93 35.55
CA PRO D 230 -7.06 15.55 36.86
C PRO D 230 -7.76 14.82 38.01
N MET D 231 -7.68 15.42 39.20
CA MET D 231 -8.16 14.78 40.41
C MET D 231 -9.68 14.73 40.46
N TYR D 232 -10.35 15.82 40.07
CA TYR D 232 -11.81 15.88 40.18
C TYR D 232 -12.51 15.22 39.00
N ARG D 233 -11.86 15.10 37.85
CA ARG D 233 -12.48 14.52 36.67
C ARG D 233 -12.33 13.00 36.67
N ARG D 234 -13.29 12.33 36.04
CA ARG D 234 -13.20 10.89 35.85
C ARG D 234 -12.36 10.57 34.63
N TRP D 235 -11.82 9.34 34.60
CA TRP D 235 -10.90 8.96 33.55
C TRP D 235 -11.57 8.93 32.18
N TRP D 236 -12.89 8.69 32.14
CA TRP D 236 -13.59 8.59 30.86
C TRP D 236 -13.93 9.94 30.26
N GLU D 237 -14.02 11.00 31.08
CA GLU D 237 -14.45 12.30 30.57
C GLU D 237 -13.46 12.89 29.58
N GLN D 238 -12.24 12.39 29.51
CA GLN D 238 -11.32 12.78 28.46
C GLN D 238 -11.66 12.15 27.11
N PHE D 239 -12.60 11.20 27.10
CA PHE D 239 -13.08 10.58 25.87
C PHE D 239 -14.43 11.14 25.45
N VAL D 240 -15.42 11.05 26.34
CA VAL D 240 -16.76 11.57 26.09
C VAL D 240 -17.05 12.67 27.11
N GLN D 241 -18.18 13.35 26.90
CA GLN D 241 -18.58 14.47 27.75
C GLN D 241 -19.96 14.23 28.35
N ASP D 242 -20.15 14.72 29.57
CA ASP D 242 -21.44 14.72 30.24
C ASP D 242 -22.05 13.33 30.30
N VAL D 243 -21.34 12.43 30.98
CA VAL D 243 -21.83 11.08 31.24
C VAL D 243 -21.62 10.76 32.72
N PRO D 244 -22.60 11.04 33.58
CA PRO D 244 -22.43 10.76 35.00
C PRO D 244 -22.25 9.27 35.25
N VAL D 245 -21.67 8.96 36.41
CA VAL D 245 -21.37 7.56 36.73
C VAL D 245 -22.65 6.75 36.86
N ASP D 246 -23.77 7.39 37.18
CA ASP D 246 -25.02 6.66 37.33
C ASP D 246 -25.47 6.05 36.00
N VAL D 247 -25.12 6.68 34.88
CA VAL D 247 -25.49 6.12 33.58
C VAL D 247 -24.74 4.82 33.32
N LEU D 248 -23.43 4.80 33.60
CA LEU D 248 -22.65 3.59 33.39
C LEU D 248 -23.12 2.47 34.30
N GLU D 249 -23.42 2.78 35.56
CA GLU D 249 -23.92 1.77 36.47
C GLU D 249 -25.21 1.14 35.93
N ASP D 250 -26.06 1.94 35.30
CA ASP D 250 -27.26 1.41 34.68
C ASP D 250 -26.91 0.40 33.57
N ILE D 251 -25.97 0.77 32.70
CA ILE D 251 -25.58 -0.11 31.61
C ILE D 251 -24.95 -1.38 32.15
N CYS D 252 -24.17 -1.26 33.22
CA CYS D 252 -23.53 -2.44 33.80
C CYS D 252 -24.55 -3.40 34.38
N HIS D 253 -25.64 -2.87 34.96
CA HIS D 253 -26.64 -3.73 35.58
C HIS D 253 -27.40 -4.54 34.53
N GLN D 254 -27.75 -3.91 33.40
CA GLN D 254 -28.47 -4.62 32.36
C GLN D 254 -27.64 -5.76 31.80
N ILE D 255 -26.32 -5.57 31.68
CA ILE D 255 -25.46 -6.61 31.12
C ILE D 255 -25.35 -7.79 32.08
N LEU D 256 -25.17 -7.50 33.37
CA LEU D 256 -25.02 -8.57 34.36
C LEU D 256 -26.32 -9.31 34.60
N ASP D 257 -27.47 -8.69 34.31
CA ASP D 257 -28.74 -9.40 34.45
C ASP D 257 -28.82 -10.60 33.51
N LEU D 258 -28.11 -10.55 32.38
CA LEU D 258 -28.12 -11.66 31.44
C LEU D 258 -27.43 -12.88 32.05
N TYR D 259 -26.33 -12.65 32.76
CA TYR D 259 -25.55 -13.78 33.31
C TYR D 259 -26.34 -14.50 34.39
N SER D 260 -27.17 -13.78 35.14
CA SER D 260 -27.93 -14.35 36.24
C SER D 260 -29.26 -14.88 35.73
N GLN D 261 -29.64 -16.07 36.21
CA GLN D 261 -30.91 -16.70 35.84
C GLN D 261 -30.97 -16.94 34.33
N GLY D 262 -29.89 -17.50 33.78
CA GLY D 262 -29.83 -17.81 32.37
C GLY D 262 -29.02 -16.81 31.57
O24 UUB E . 30.22 -27.30 10.14
C15 UUB E . 30.08 -20.81 7.90
C14 UUB E . 31.09 -20.71 8.80
C12 UUB E . 30.04 -22.32 10.13
C1 UUB E . 27.39 -25.19 5.47
C2 UUB E . 26.32 -24.75 4.69
C5 UUB E . 27.66 -23.00 6.45
C4 UUB E . 26.57 -22.58 5.63
C3 UUB E . 25.90 -23.42 4.78
C10 UUB E . 29.07 -21.67 8.12
C18 UUB E . 29.46 -24.49 11.28
C19 UUB E . 30.52 -25.50 11.72
C20 UUB E . 30.05 -26.96 11.50
C21 UUB E . 28.58 -27.07 11.87
C22 UUB E . 28.15 -25.96 12.82
C23 UUB E . 28.27 -24.58 12.21
C25 UUB E . 30.25 -28.71 10.03
C26 UUB E . 29.08 -29.39 9.90
C27 UUB E . 29.19 -30.74 9.80
C28 UUB E . 30.38 -31.46 9.79
C29 UUB E . 31.58 -30.80 9.98
C30 UUB E . 31.48 -29.40 10.06
C32 UUB E . 28.75 -33.52 10.53
C33 UUB E . 28.17 -35.02 10.68
C35 UUB E . 29.34 -35.99 11.69
C36 UUB E . 27.95 -36.87 12.00
C38 UUB E . 25.92 -36.01 12.91
C39 UUB E . 27.34 -37.34 14.26
C6 UUB E . 28.05 -24.32 6.34
C8 UUB E . 27.17 -20.72 6.78
C9 UUB E . 27.93 -21.78 7.09
N11 UUB E . 29.04 -22.40 9.21
N13 UUB E . 31.08 -21.45 9.90
N17 UUB E . 30.02 -23.14 11.33
N31 UUB E . 29.99 -32.95 9.76
N37 UUB E . 27.31 -36.35 13.20
N7 UUB E . 26.34 -21.30 5.88
O34 UUB E . 28.11 -32.78 11.19
CL1 UUB E . 30.11 -19.82 6.42
H5 UUB E . 25.89 -25.33 4.11
H33 UUB E . 28.76 -24.62 6.85
H39 UUB E . 25.72 -20.85 5.47
O24 UUB F . -34.54 15.14 -20.09
C15 UUB F . -32.30 15.16 -12.05
C14 UUB F . -32.78 16.40 -12.16
C12 UUB F . -32.97 16.14 -14.44
C1 UUB F . -31.91 11.41 -16.52
C2 UUB F . -31.35 10.21 -16.10
C5 UUB F . -31.68 12.33 -14.34
C4 UUB F . -31.12 11.11 -13.96
C3 UUB F . -30.95 10.06 -14.80
C10 UUB F . -32.15 14.43 -13.14
C18 UUB F . -32.69 16.08 -16.93
C19 UUB F . -33.72 15.38 -17.86
C20 UUB F . -34.26 16.08 -19.11
C21 UUB F . -33.16 16.94 -19.65
C22 UUB F . -32.73 17.92 -18.58
C23 UUB F . -31.91 17.19 -17.58
C25 UUB F . -35.82 15.26 -20.67
C26 UUB F . -36.79 16.16 -20.28
C27 UUB F . -38.03 16.22 -20.91
C28 UUB F . -38.35 15.32 -21.93
C29 UUB F . -37.37 14.45 -22.34
C30 UUB F . -36.13 14.41 -21.71
C32 UUB F . -40.58 14.20 -22.94
C33 UUB F . -41.77 14.44 -23.96
C35 UUB F . -41.06 15.70 -24.94
C36 UUB F . -39.85 14.89 -25.35
C38 UUB F . -38.70 13.58 -26.91
C39 UUB F . -40.80 12.85 -26.12
C6 UUB F . -32.07 12.46 -15.64
C8 UUB F . -31.09 12.35 -12.10
C9 UUB F . -31.62 13.00 -13.14
N11 UUB F . -32.48 14.90 -14.30
N13 UUB F . -33.11 16.89 -13.34
N17 UUB F . -33.31 16.65 -15.75
N31 UUB F . -39.61 15.29 -22.69
N37 UUB F . -40.03 14.02 -26.50
N7 UUB F . -30.81 11.19 -12.69
O34 UUB F . -40.41 13.16 -22.42
CL1 UUB F . -31.88 14.56 -10.45
H2 UUB F . -32.18 11.50 -17.40
H5 UUB F . -31.24 9.51 -16.70
H3 UUB F . -30.57 9.26 -14.51
H33 UUB F . -32.46 13.26 -15.93
H39 UUB F . -30.45 10.53 -12.27
#